data_1NT5
# 
_entry.id   1NT5 
# 
_audit_conform.dict_name       mmcif_pdbx.dic 
_audit_conform.dict_version    5.397 
_audit_conform.dict_location   http://mmcif.pdb.org/dictionaries/ascii/mmcif_pdbx.dic 
# 
loop_
_database_2.database_id 
_database_2.database_code 
_database_2.pdbx_database_accession 
_database_2.pdbx_DOI 
PDB   1NT5         pdb_00001nt5 10.2210/pdb1nt5/pdb 
RCSB  RCSB018177   ?            ?                   
WWPDB D_1000018177 ?            ?                   
# 
loop_
_pdbx_audit_revision_history.ordinal 
_pdbx_audit_revision_history.data_content_type 
_pdbx_audit_revision_history.major_revision 
_pdbx_audit_revision_history.minor_revision 
_pdbx_audit_revision_history.revision_date 
1 'Structure model' 1 0 2003-02-11 
2 'Structure model' 1 1 2011-06-14 
3 'Structure model' 1 2 2011-07-13 
4 'Structure model' 1 3 2011-07-27 
5 'Structure model' 1 4 2012-12-12 
6 'Structure model' 1 5 2013-07-10 
7 'Structure model' 2 0 2023-11-15 
8 'Structure model' 2 1 2024-10-16 
# 
_pdbx_audit_revision_details.ordinal             1 
_pdbx_audit_revision_details.revision_ordinal    1 
_pdbx_audit_revision_details.data_content_type   'Structure model' 
_pdbx_audit_revision_details.provider            repository 
_pdbx_audit_revision_details.type                'Initial release' 
_pdbx_audit_revision_details.description         ? 
_pdbx_audit_revision_details.details             ? 
# 
loop_
_pdbx_audit_revision_group.ordinal 
_pdbx_audit_revision_group.revision_ordinal 
_pdbx_audit_revision_group.data_content_type 
_pdbx_audit_revision_group.group 
1  2 'Structure model' 'Version format compliance' 
2  3 'Structure model' 'Version format compliance' 
3  4 'Structure model' 'Atomic model'              
4  4 'Structure model' 'Database references'       
5  4 'Structure model' 'Derived calculations'      
6  4 'Structure model' 'Non-polymer description'   
7  4 'Structure model' 'Structure summary'         
8  5 'Structure model' 'Structure summary'         
9  6 'Structure model' 'Structure summary'         
10 7 'Structure model' 'Atomic model'              
11 7 'Structure model' 'Data collection'           
12 7 'Structure model' 'Database references'       
13 7 'Structure model' 'Derived calculations'      
14 8 'Structure model' 'Structure summary'         
# 
loop_
_pdbx_audit_revision_category.ordinal 
_pdbx_audit_revision_category.revision_ordinal 
_pdbx_audit_revision_category.data_content_type 
_pdbx_audit_revision_category.category 
1 7 'Structure model' atom_site                 
2 7 'Structure model' chem_comp_atom            
3 7 'Structure model' chem_comp_bond            
4 7 'Structure model' database_2                
5 7 'Structure model' struct_conn               
6 7 'Structure model' struct_ref_seq_dif        
7 8 'Structure model' pdbx_entry_details        
8 8 'Structure model' pdbx_modification_feature 
# 
loop_
_pdbx_audit_revision_item.ordinal 
_pdbx_audit_revision_item.revision_ordinal 
_pdbx_audit_revision_item.data_content_type 
_pdbx_audit_revision_item.item 
1 7 'Structure model' '_atom_site.auth_atom_id'                      
2 7 'Structure model' '_atom_site.label_atom_id'                     
3 7 'Structure model' '_database_2.pdbx_DOI'                         
4 7 'Structure model' '_database_2.pdbx_database_accession'          
5 7 'Structure model' '_struct_conn.pdbx_leaving_atom_flag'          
6 7 'Structure model' '_struct_ref_seq_dif.details'                  
7 8 'Structure model' '_pdbx_entry_details.has_protein_modification' 
# 
_pdbx_database_status.status_code                     REL 
_pdbx_database_status.entry_id                        1NT5 
_pdbx_database_status.recvd_initial_deposition_date   2003-01-28 
_pdbx_database_status.deposit_site                    RCSB 
_pdbx_database_status.process_site                    RCSB 
_pdbx_database_status.SG_entry                        . 
_pdbx_database_status.status_code_sf                  ? 
_pdbx_database_status.status_code_mr                  ? 
_pdbx_database_status.status_code_cs                  ? 
_pdbx_database_status.methods_development_category    ? 
_pdbx_database_status.pdb_format_compatible           Y 
_pdbx_database_status.status_code_nmr_data            ? 
# 
loop_
_pdbx_database_related.db_name 
_pdbx_database_related.db_id 
_pdbx_database_related.content_type 
_pdbx_database_related.details 
PDB 1TK2 unspecified 'CRYSTAL STRUCTURE OF GRAMICIDIN S COMPLEXED WITH ALKALINE PROTEINASE SAVINASE' 
PDB 2XDC unspecified 'CRYSTAL STRUCTURE OF GRAMICIDIN A FROM CRYSTALS GROWN IN A LIPID CUBIC PHASE.' 
PDB 1AV2 unspecified 'CRYSTAL STRUCTURE OF GRAMICIDIN A COMPLEXED WITH CESIUM CHLORIDE' 
PDB 1BDW unspecified 'CRYSTAL STRUCTURE OF GRAMICIDIN A FROM BACILLUS BREVIS' 
PDB 1C4D unspecified 'CRYSTAL STRUCTURE OF GRAMICIDIN A COMPLEXED WITH CESIUM CHLORIDE' 
PDB 1GMK unspecified 'CRYSTAL STRUCTURE OF GRAMICIDIN A COMPLRXED WITH POTASSIUM THIOCYANATE' 
PDB 1GRM unspecified 'SOLUTION STRUCTURE OF THE GRAMICIDIN A' 
PDB 1JNO unspecified 'SOLUTION STRUCTURE OF GRAMICIDIN A IN SODIUM DODECYL SULFATE MICELLES' 
PDB 1KQE unspecified 'SOLUTION STRUCTURE OF A LINKED SHORTENED GRAMICIDIN A IN BENZENE/ACETONE 10:1' 
PDB 1MAG unspecified 'SOLID STATE NMR STRUCTURE OF GRAMICIDIN A IN HYDRATED DMPC BILAYERS,' 
PDB 1MIC unspecified 'SOLUTION STRUCTURE OF GRAMICIDIN A IN METHANOL IN THE PRESENCE OF CACL' 
PDB 1NG8 unspecified 'SOLUTION STRUCTURE OF GRAMICIDIN A (W15G) IN SODIUM DODECYL SULFATE MICELLES' 
PDB 1NRM unspecified 'SOLUTION STRUCTURE OF GRAMICIDIN A IN DODECYL PHOSPHOCHOLINE MICELLES' 
PDB 1NRU unspecified 'SOLUTION STRUCTURE OF GRAMICIDIN A IN DODECYL PHOSPHOCHOLINE MICELLES IN THE PRESENCE OF EXCESS NA+' 
PDB 1JO3 unspecified 'SOLUTION STRUCTURE OF GRAMICIDIN B IN SODIUM DODECYL SULFATE MICELLES' 
PDB 1JO4 unspecified 'SOLUTION STRUCTURE OF GRAMICIDIN C IN SODIUM DODECYL SULFATE MICELLES' 
PDB 1NT6 unspecified 'SOLUTION STRUCTURE OF F1-GRAMICIDIN C IN SODIUM DODECYL SULFATE MICELLES' 
PDB 1TKQ unspecified 
'SOLUTION STRUCTURE OF A LINKED UNSYMMETRIC GRAMICIDIN A IN A MEMBRANE-ISOELECTRICAL SOLVENTS MIXTURE, IN THE PRESENCE OF CSCL' 
PDB 1W5U unspecified 'CRYSTAL STRUCTURE OF GRAMICIDIN D IN ETHANOL' 
PDB 2IZQ unspecified 'CRYSTAL STRUCTURE OF GRAMICIDIN D COMPLEX WITH KI IN METHANOL' 
PDB 3L8L unspecified 'CRYSTAL STRUCTURE OF GRAMICIDIN D COMPLEX WITH NAI' 
PDB 1AL4 unspecified 'CRYSTAL STRUCTURE OF GRAMICIDIN D IN N-PROPANOL' 
PDB 1ALX unspecified 'CRYSTAL STRUCTURE OF GRAMICIDIN D IN METHANOL' 
PDB 1ALZ unspecified 'CRYSTAL STRUCTURE OF GRAMICIDIN D IN ETHANOL' 
# 
loop_
_audit_author.name 
_audit_author.pdbx_ordinal 
'Townsley, L.E.' 1 
'Fletcher, T.G.' 2 
'Hinton, J.F.'   3 
# 
_citation.id                        primary 
_citation.title                     
'The Structure, Cation Binding, Transport, and Conductance of Gly15-Gramicidin a Incorporated Into Sds Micelles and Pc/Pg Vesicles.' 
_citation.journal_abbrev            Biochemistry 
_citation.journal_volume            42 
_citation.page_first                1401 
_citation.page_last                 ? 
_citation.year                      2003 
_citation.journal_id_ASTM           BICHAW 
_citation.country                   US 
_citation.journal_id_ISSN           0006-2960 
_citation.journal_id_CSD            0033 
_citation.book_publisher            ? 
_citation.pdbx_database_id_PubMed   12578352 
_citation.pdbx_database_id_DOI      10.1021/BI0204286 
# 
loop_
_citation_author.citation_id 
_citation_author.name 
_citation_author.ordinal 
_citation_author.identifier_ORCID 
primary 'Sham, S.S.'       1 ? 
primary 'Shobana, S.'      2 ? 
primary 'Townsley, L.E.'   3 ? 
primary 'Jordan, J.B.'     4 ? 
primary 'Fernandez, J.Q.'  5 ? 
primary 'Andersen, O.S.'   6 ? 
primary 'Greathouse, D.V.' 7 ? 
primary 'Hinton, J.F.'     8 ? 
# 
_entity.id                         1 
_entity.type                       polymer 
_entity.src_method                 syn 
_entity.pdbx_description           'GRAMICIDIN A' 
_entity.formula_weight             1930.337 
_entity.pdbx_number_of_molecules   2 
_entity.pdbx_ec                    ? 
_entity.pdbx_mutation              ? 
_entity.pdbx_fragment              ? 
_entity.details                    ? 
# 
_entity_name_com.entity_id   1 
_entity_name_com.name        'VALYL GRAMICIDIN' 
# 
_entity_poly.entity_id                      1 
_entity_poly.type                           'polypeptide(L)' 
_entity_poly.nstd_linkage                   no 
_entity_poly.nstd_monomer                   yes 
_entity_poly.pdbx_seq_one_letter_code       '(QPH)GA(DLE)A(DVA)V(DVA)W(DLE)W(DLE)W(DLE)W(ETA)' 
_entity_poly.pdbx_seq_one_letter_code_can   FGALAVVVWLWLWLWX 
_entity_poly.pdbx_strand_id                 A,B 
_entity_poly.pdbx_target_identifier         ? 
# 
loop_
_entity_poly_seq.entity_id 
_entity_poly_seq.num 
_entity_poly_seq.mon_id 
_entity_poly_seq.hetero 
1 1  QPH n 
1 2  GLY n 
1 3  ALA n 
1 4  DLE n 
1 5  ALA n 
1 6  DVA n 
1 7  VAL n 
1 8  DVA n 
1 9  TRP n 
1 10 DLE n 
1 11 TRP n 
1 12 DLE n 
1 13 TRP n 
1 14 DLE n 
1 15 TRP n 
1 16 ETA n 
# 
_pdbx_entity_src_syn.entity_id              1 
_pdbx_entity_src_syn.pdbx_src_id            1 
_pdbx_entity_src_syn.pdbx_alt_source_flag   sample 
_pdbx_entity_src_syn.pdbx_beg_seq_num       ? 
_pdbx_entity_src_syn.pdbx_end_seq_num       ? 
_pdbx_entity_src_syn.organism_scientific    'BREVIBACILLUS BREVIS' 
_pdbx_entity_src_syn.organism_common_name   ? 
_pdbx_entity_src_syn.ncbi_taxonomy_id       1393 
_pdbx_entity_src_syn.details                'MUTATION VAL1 TO PHE' 
# 
loop_
_chem_comp.id 
_chem_comp.type 
_chem_comp.mon_nstd_flag 
_chem_comp.name 
_chem_comp.pdbx_synonyms 
_chem_comp.formula 
_chem_comp.formula_weight 
ALA 'L-peptide linking'               y ALANINE                                  ? 'C3 H7 N O2'    89.093  
DLE 'D-peptide linking'               . D-LEUCINE                                ? 'C6 H13 N O2'   131.173 
DVA 'D-peptide linking'               . D-VALINE                                 ? 'C5 H11 N O2'   117.146 
ETA 'L-peptide COOH carboxy terminus' . ETHANOLAMINE                             ? 'C2 H7 N O'     61.083  
GLY 'peptide linking'                 y GLYCINE                                  ? 'C2 H5 N O2'    75.067  
PBA non-polymer                       . 'PHENYLETHANE BORONIC ACID'              ? 'C8 H11 B O2'   149.983 
PVA non-polymer                       . '1-AMINO-2-METHYL-PROPYLPHOSPHONIC ACID' ? 'C4 H12 N O3 P' 153.117 
QPH 'L-peptide linking'               n N-formyl-L-phenylalanine                 ? 'C10 H11 N O3'  193.199 
TRP 'L-peptide linking'               y TRYPTOPHAN                               ? 'C11 H12 N2 O2' 204.225 
VAL 'L-peptide linking'               y VALINE                                   ? 'C5 H11 N O2'   117.146 
# 
loop_
_pdbx_poly_seq_scheme.asym_id 
_pdbx_poly_seq_scheme.entity_id 
_pdbx_poly_seq_scheme.seq_id 
_pdbx_poly_seq_scheme.mon_id 
_pdbx_poly_seq_scheme.ndb_seq_num 
_pdbx_poly_seq_scheme.pdb_seq_num 
_pdbx_poly_seq_scheme.auth_seq_num 
_pdbx_poly_seq_scheme.pdb_mon_id 
_pdbx_poly_seq_scheme.auth_mon_id 
_pdbx_poly_seq_scheme.pdb_strand_id 
_pdbx_poly_seq_scheme.pdb_ins_code 
_pdbx_poly_seq_scheme.hetero 
A 1 1  QPH 1  1  1  QPH QPH A . n 
A 1 2  GLY 2  2  2  GLY GLY A . n 
A 1 3  ALA 3  3  3  ALA ALA A . n 
A 1 4  DLE 4  4  4  DLE DLE A . n 
A 1 5  ALA 5  5  5  ALA ALA A . n 
A 1 6  DVA 6  6  6  DVA DVA A . n 
A 1 7  VAL 7  7  7  VAL VAL A . n 
A 1 8  DVA 8  8  8  DVA DVA A . n 
A 1 9  TRP 9  9  9  TRP TRP A . n 
A 1 10 DLE 10 10 10 DLE DLE A . n 
A 1 11 TRP 11 11 11 TRP TRP A . n 
A 1 12 DLE 12 12 12 DLE DLE A . n 
A 1 13 TRP 13 13 13 TRP TRP A . n 
A 1 14 DLE 14 14 14 DLE DLE A . n 
A 1 15 TRP 15 15 15 TRP TRP A . n 
A 1 16 ETA 16 16 16 ETA ETA A . n 
B 1 1  QPH 1  1  1  QPH QPH B . n 
B 1 2  GLY 2  2  2  GLY GLY B . n 
B 1 3  ALA 3  3  3  ALA ALA B . n 
B 1 4  DLE 4  4  4  DLE DLE B . n 
B 1 5  ALA 5  5  5  ALA ALA B . n 
B 1 6  DVA 6  6  6  DVA DVA B . n 
B 1 7  VAL 7  7  7  VAL VAL B . n 
B 1 8  DVA 8  8  8  DVA DVA B . n 
B 1 9  TRP 9  9  9  TRP TRP B . n 
B 1 10 DLE 10 10 10 DLE DLE B . n 
B 1 11 TRP 11 11 11 TRP TRP B . n 
B 1 12 DLE 12 12 12 DLE DLE B . n 
B 1 13 TRP 13 13 13 TRP TRP B . n 
B 1 14 DLE 14 14 14 DLE DLE B . n 
B 1 15 TRP 15 15 15 TRP TRP B . n 
B 1 16 ETA 16 16 16 ETA ETA B . n 
# 
_cell.entry_id           1NT5 
_cell.length_a           1.000 
_cell.length_b           1.000 
_cell.length_c           1.000 
_cell.angle_alpha        90.00 
_cell.angle_beta         90.00 
_cell.angle_gamma        90.00 
_cell.Z_PDB              1 
_cell.pdbx_unique_axis   ? 
# 
_symmetry.entry_id                         1NT5 
_symmetry.space_group_name_H-M             'P 1' 
_symmetry.pdbx_full_space_group_name_H-M   ? 
_symmetry.cell_setting                     ? 
_symmetry.Int_Tables_number                1 
# 
_exptl.entry_id          1NT5 
_exptl.method            'SOLUTION NMR' 
_exptl.crystals_number   ? 
# 
_exptl_crystal.id                    1 
_exptl_crystal.density_meas          ? 
_exptl_crystal.density_Matthews      ? 
_exptl_crystal.density_percent_sol   ? 
_exptl_crystal.description           ? 
# 
_diffrn.id                     1 
_diffrn.ambient_temp           ? 
_diffrn.ambient_temp_details   ? 
_diffrn.crystal_id             1 
# 
_diffrn_radiation.diffrn_id                        1 
_diffrn_radiation.wavelength_id                    1 
_diffrn_radiation.pdbx_monochromatic_or_laue_m_l   M 
_diffrn_radiation.monochromator                    ? 
_diffrn_radiation.pdbx_diffrn_protocol             'SINGLE WAVELENGTH' 
_diffrn_radiation.pdbx_scattering_type             x-ray 
# 
_diffrn_radiation_wavelength.id           1 
_diffrn_radiation_wavelength.wavelength   . 
_diffrn_radiation_wavelength.wt           1.0 
# 
_struct.entry_id                  1NT5 
_struct.title                     'F1-Gramicidin A in Sodium Dodecyl Sulfate Micelles (NMR)' 
_struct.pdbx_model_details        ? 
_struct.pdbx_CASP_flag            ? 
_struct.pdbx_model_type_details   'minimized average' 
# 
_struct_keywords.entry_id        1NT5 
_struct_keywords.pdbx_keywords   ANTIBIOTIC 
_struct_keywords.text            
'GRAMICIDIN, ANTIFUNGAL, ANTIBACTERIAL, SDS MICELLES MEMBRANE ION CHANNEL, LINEAR GRAMICIDIN, ANTIBIOTIC' 
# 
loop_
_struct_asym.id 
_struct_asym.pdbx_blank_PDB_chainid_flag 
_struct_asym.pdbx_modified 
_struct_asym.entity_id 
_struct_asym.details 
A N N 1 ? 
B N N 1 ? 
# 
_struct_ref.id                         1 
_struct_ref.db_name                    NOR 
_struct_ref.db_code                    NOR00243 
_struct_ref.entity_id                  1 
_struct_ref.pdbx_seq_one_letter_code   ? 
_struct_ref.pdbx_align_begin           ? 
_struct_ref.pdbx_db_accession          NOR00243 
_struct_ref.pdbx_db_isoform            ? 
# 
loop_
_struct_ref_seq.align_id 
_struct_ref_seq.ref_id 
_struct_ref_seq.pdbx_PDB_id_code 
_struct_ref_seq.pdbx_strand_id 
_struct_ref_seq.seq_align_beg 
_struct_ref_seq.pdbx_seq_align_beg_ins_code 
_struct_ref_seq.seq_align_end 
_struct_ref_seq.pdbx_seq_align_end_ins_code 
_struct_ref_seq.pdbx_db_accession 
_struct_ref_seq.db_align_beg 
_struct_ref_seq.pdbx_db_align_beg_ins_code 
_struct_ref_seq.db_align_end 
_struct_ref_seq.pdbx_db_align_end_ins_code 
_struct_ref_seq.pdbx_auth_seq_align_beg 
_struct_ref_seq.pdbx_auth_seq_align_end 
1 1 1NT5 A 1 ? 16 ? NOR00243 1 ? 16 ? 1 16 
2 1 1NT5 B 1 ? 16 ? NOR00243 1 ? 16 ? 1 16 
# 
loop_
_struct_ref_seq_dif.align_id 
_struct_ref_seq_dif.pdbx_pdb_id_code 
_struct_ref_seq_dif.mon_id 
_struct_ref_seq_dif.pdbx_pdb_strand_id 
_struct_ref_seq_dif.seq_num 
_struct_ref_seq_dif.pdbx_pdb_ins_code 
_struct_ref_seq_dif.pdbx_seq_db_name 
_struct_ref_seq_dif.pdbx_seq_db_accession_code 
_struct_ref_seq_dif.db_mon_id 
_struct_ref_seq_dif.pdbx_seq_db_seq_num 
_struct_ref_seq_dif.details 
_struct_ref_seq_dif.pdbx_auth_seq_num 
_struct_ref_seq_dif.pdbx_ordinal 
1 1NT5 QPH A 1 ? NOR NOR00243 PVA 1 'engineered mutation' 1 1 
2 1NT5 QPH B 1 ? NOR NOR00243 PBA 1 'engineered mutation' 1 2 
# 
_pdbx_struct_assembly.id                   1 
_pdbx_struct_assembly.details              author_and_software_defined_assembly 
_pdbx_struct_assembly.method_details       PISA 
_pdbx_struct_assembly.oligomeric_details   dimeric 
_pdbx_struct_assembly.oligomeric_count     2 
# 
loop_
_pdbx_struct_assembly_prop.biol_id 
_pdbx_struct_assembly_prop.type 
_pdbx_struct_assembly_prop.value 
_pdbx_struct_assembly_prop.details 
1 'ABSA (A^2)' 840  ? 
1 MORE         -4.0 ? 
1 'SSA (A^2)'  2650 ? 
# 
_pdbx_struct_assembly_gen.assembly_id       1 
_pdbx_struct_assembly_gen.oper_expression   1 
_pdbx_struct_assembly_gen.asym_id_list      A,B 
# 
_pdbx_struct_oper_list.id                   1 
_pdbx_struct_oper_list.type                 'identity operation' 
_pdbx_struct_oper_list.name                 1_555 
_pdbx_struct_oper_list.symmetry_operation   x,y,z 
_pdbx_struct_oper_list.matrix[1][1]         1.0000000000 
_pdbx_struct_oper_list.matrix[1][2]         0.0000000000 
_pdbx_struct_oper_list.matrix[1][3]         0.0000000000 
_pdbx_struct_oper_list.vector[1]            0.0000000000 
_pdbx_struct_oper_list.matrix[2][1]         0.0000000000 
_pdbx_struct_oper_list.matrix[2][2]         1.0000000000 
_pdbx_struct_oper_list.matrix[2][3]         0.0000000000 
_pdbx_struct_oper_list.vector[2]            0.0000000000 
_pdbx_struct_oper_list.matrix[3][1]         0.0000000000 
_pdbx_struct_oper_list.matrix[3][2]         0.0000000000 
_pdbx_struct_oper_list.matrix[3][3]         1.0000000000 
_pdbx_struct_oper_list.vector[3]            0.0000000000 
# 
_struct_biol.id        1 
_struct_biol.details   ? 
# 
loop_
_struct_conn.id 
_struct_conn.conn_type_id 
_struct_conn.pdbx_leaving_atom_flag 
_struct_conn.pdbx_PDB_id 
_struct_conn.ptnr1_label_asym_id 
_struct_conn.ptnr1_label_comp_id 
_struct_conn.ptnr1_label_seq_id 
_struct_conn.ptnr1_label_atom_id 
_struct_conn.pdbx_ptnr1_label_alt_id 
_struct_conn.pdbx_ptnr1_PDB_ins_code 
_struct_conn.pdbx_ptnr1_standard_comp_id 
_struct_conn.ptnr1_symmetry 
_struct_conn.ptnr2_label_asym_id 
_struct_conn.ptnr2_label_comp_id 
_struct_conn.ptnr2_label_seq_id 
_struct_conn.ptnr2_label_atom_id 
_struct_conn.pdbx_ptnr2_label_alt_id 
_struct_conn.pdbx_ptnr2_PDB_ins_code 
_struct_conn.ptnr1_auth_asym_id 
_struct_conn.ptnr1_auth_comp_id 
_struct_conn.ptnr1_auth_seq_id 
_struct_conn.ptnr2_auth_asym_id 
_struct_conn.ptnr2_auth_comp_id 
_struct_conn.ptnr2_auth_seq_id 
_struct_conn.ptnr2_symmetry 
_struct_conn.pdbx_ptnr3_label_atom_id 
_struct_conn.pdbx_ptnr3_label_seq_id 
_struct_conn.pdbx_ptnr3_label_comp_id 
_struct_conn.pdbx_ptnr3_label_asym_id 
_struct_conn.pdbx_ptnr3_label_alt_id 
_struct_conn.pdbx_ptnr3_PDB_ins_code 
_struct_conn.details 
_struct_conn.pdbx_dist_value 
_struct_conn.pdbx_value_order 
_struct_conn.pdbx_role 
covale1  covale both ? A QPH 1  C ? ? ? 1_555 A GLY 2  N ? ? A QPH 1  A GLY 2  1_555 ? ? ? ? ? ? ? 1.340 ? ? 
covale2  covale both ? A ALA 3  C ? ? ? 1_555 A DLE 4  N ? ? A ALA 3  A DLE 4  1_555 ? ? ? ? ? ? ? 1.339 ? ? 
covale3  covale both ? A DLE 4  C ? ? ? 1_555 A ALA 5  N ? ? A DLE 4  A ALA 5  1_555 ? ? ? ? ? ? ? 1.340 ? ? 
covale4  covale both ? A ALA 5  C ? ? ? 1_555 A DVA 6  N ? ? A ALA 5  A DVA 6  1_555 ? ? ? ? ? ? ? 1.338 ? ? 
covale5  covale both ? A DVA 6  C ? ? ? 1_555 A VAL 7  N ? ? A DVA 6  A VAL 7  1_555 ? ? ? ? ? ? ? 1.340 ? ? 
covale6  covale both ? A VAL 7  C ? ? ? 1_555 A DVA 8  N ? ? A VAL 7  A DVA 8  1_555 ? ? ? ? ? ? ? 1.341 ? ? 
covale7  covale both ? A DVA 8  C ? ? ? 1_555 A TRP 9  N ? ? A DVA 8  A TRP 9  1_555 ? ? ? ? ? ? ? 1.339 ? ? 
covale8  covale both ? A TRP 9  C ? ? ? 1_555 A DLE 10 N ? ? A TRP 9  A DLE 10 1_555 ? ? ? ? ? ? ? 1.341 ? ? 
covale9  covale both ? A DLE 10 C ? ? ? 1_555 A TRP 11 N ? ? A DLE 10 A TRP 11 1_555 ? ? ? ? ? ? ? 1.340 ? ? 
covale10 covale both ? A TRP 11 C ? ? ? 1_555 A DLE 12 N ? ? A TRP 11 A DLE 12 1_555 ? ? ? ? ? ? ? 1.339 ? ? 
covale11 covale both ? A DLE 12 C ? ? ? 1_555 A TRP 13 N ? ? A DLE 12 A TRP 13 1_555 ? ? ? ? ? ? ? 1.340 ? ? 
covale12 covale both ? A TRP 13 C ? ? ? 1_555 A DLE 14 N ? ? A TRP 13 A DLE 14 1_555 ? ? ? ? ? ? ? 1.341 ? ? 
covale13 covale both ? A DLE 14 C ? ? ? 1_555 A TRP 15 N ? ? A DLE 14 A TRP 15 1_555 ? ? ? ? ? ? ? 1.342 ? ? 
covale14 covale both ? A TRP 15 C ? ? ? 1_555 A ETA 16 N ? ? A TRP 15 A ETA 16 1_555 ? ? ? ? ? ? ? 1.339 ? ? 
covale15 covale both ? B QPH 1  C ? ? ? 1_555 B GLY 2  N ? ? B QPH 1  B GLY 2  1_555 ? ? ? ? ? ? ? 1.340 ? ? 
covale16 covale both ? B ALA 3  C ? ? ? 1_555 B DLE 4  N ? ? B ALA 3  B DLE 4  1_555 ? ? ? ? ? ? ? 1.339 ? ? 
covale17 covale both ? B DLE 4  C ? ? ? 1_555 B ALA 5  N ? ? B DLE 4  B ALA 5  1_555 ? ? ? ? ? ? ? 1.341 ? ? 
covale18 covale both ? B ALA 5  C ? ? ? 1_555 B DVA 6  N ? ? B ALA 5  B DVA 6  1_555 ? ? ? ? ? ? ? 1.339 ? ? 
covale19 covale both ? B DVA 6  C ? ? ? 1_555 B VAL 7  N ? ? B DVA 6  B VAL 7  1_555 ? ? ? ? ? ? ? 1.339 ? ? 
covale20 covale both ? B VAL 7  C ? ? ? 1_555 B DVA 8  N ? ? B VAL 7  B DVA 8  1_555 ? ? ? ? ? ? ? 1.341 ? ? 
covale21 covale both ? B DVA 8  C ? ? ? 1_555 B TRP 9  N ? ? B DVA 8  B TRP 9  1_555 ? ? ? ? ? ? ? 1.338 ? ? 
covale22 covale both ? B TRP 9  C ? ? ? 1_555 B DLE 10 N ? ? B TRP 9  B DLE 10 1_555 ? ? ? ? ? ? ? 1.341 ? ? 
covale23 covale both ? B DLE 10 C ? ? ? 1_555 B TRP 11 N ? ? B DLE 10 B TRP 11 1_555 ? ? ? ? ? ? ? 1.340 ? ? 
covale24 covale both ? B TRP 11 C ? ? ? 1_555 B DLE 12 N ? ? B TRP 11 B DLE 12 1_555 ? ? ? ? ? ? ? 1.339 ? ? 
covale25 covale both ? B DLE 12 C ? ? ? 1_555 B TRP 13 N ? ? B DLE 12 B TRP 13 1_555 ? ? ? ? ? ? ? 1.341 ? ? 
covale26 covale both ? B TRP 13 C ? ? ? 1_555 B DLE 14 N ? ? B TRP 13 B DLE 14 1_555 ? ? ? ? ? ? ? 1.340 ? ? 
covale27 covale both ? B DLE 14 C ? ? ? 1_555 B TRP 15 N ? ? B DLE 14 B TRP 15 1_555 ? ? ? ? ? ? ? 1.342 ? ? 
covale28 covale both ? B TRP 15 C ? ? ? 1_555 B ETA 16 N ? ? B TRP 15 B ETA 16 1_555 ? ? ? ? ? ? ? 1.339 ? ? 
# 
_struct_conn_type.id          covale 
_struct_conn_type.criteria    ? 
_struct_conn_type.reference   ? 
# 
loop_
_pdbx_modification_feature.ordinal 
_pdbx_modification_feature.label_comp_id 
_pdbx_modification_feature.label_asym_id 
_pdbx_modification_feature.label_seq_id 
_pdbx_modification_feature.label_alt_id 
_pdbx_modification_feature.modified_residue_label_comp_id 
_pdbx_modification_feature.modified_residue_label_asym_id 
_pdbx_modification_feature.modified_residue_label_seq_id 
_pdbx_modification_feature.modified_residue_label_alt_id 
_pdbx_modification_feature.auth_comp_id 
_pdbx_modification_feature.auth_asym_id 
_pdbx_modification_feature.auth_seq_id 
_pdbx_modification_feature.PDB_ins_code 
_pdbx_modification_feature.symmetry 
_pdbx_modification_feature.modified_residue_auth_comp_id 
_pdbx_modification_feature.modified_residue_auth_asym_id 
_pdbx_modification_feature.modified_residue_auth_seq_id 
_pdbx_modification_feature.modified_residue_PDB_ins_code 
_pdbx_modification_feature.modified_residue_symmetry 
_pdbx_modification_feature.comp_id_linking_atom 
_pdbx_modification_feature.modified_residue_id_linking_atom 
_pdbx_modification_feature.modified_residue_id 
_pdbx_modification_feature.ref_pcm_id 
_pdbx_modification_feature.ref_comp_id 
_pdbx_modification_feature.type 
_pdbx_modification_feature.category 
1 QPH A 1  ? . . . . QPH A 1  ? 1_555 . . . . . . . PHE 1 QPH Formylation 'Named protein modification' 
2 QPH B 1  ? . . . . QPH B 1  ? 1_555 . . . . . . . PHE 1 QPH Formylation 'Named protein modification' 
3 ETA A 16 ? . . . . ETA A 16 ? 1_555 . . . . . . . ?   1 ETA None        'Non-standard residue'       
4 ETA B 16 ? . . . . ETA B 16 ? 1_555 . . . . . . . ?   1 ETA None        'Non-standard residue'       
# 
_struct_sheet.id               AA 
_struct_sheet.type             ? 
_struct_sheet.number_strands   2 
_struct_sheet.details          ? 
# 
_struct_sheet_order.sheet_id     AA 
_struct_sheet_order.range_id_1   1 
_struct_sheet_order.range_id_2   2 
_struct_sheet_order.offset       ? 
_struct_sheet_order.sense        anti-parallel 
# 
loop_
_struct_sheet_range.sheet_id 
_struct_sheet_range.id 
_struct_sheet_range.beg_label_comp_id 
_struct_sheet_range.beg_label_asym_id 
_struct_sheet_range.beg_label_seq_id 
_struct_sheet_range.pdbx_beg_PDB_ins_code 
_struct_sheet_range.end_label_comp_id 
_struct_sheet_range.end_label_asym_id 
_struct_sheet_range.end_label_seq_id 
_struct_sheet_range.pdbx_end_PDB_ins_code 
_struct_sheet_range.beg_auth_comp_id 
_struct_sheet_range.beg_auth_asym_id 
_struct_sheet_range.beg_auth_seq_id 
_struct_sheet_range.end_auth_comp_id 
_struct_sheet_range.end_auth_asym_id 
_struct_sheet_range.end_auth_seq_id 
AA 1 GLY A 2 ? TRP A 15 ? GLY A 2 TRP A 15 
AA 2 GLY B 2 ? TRP B 15 ? GLY B 2 TRP B 15 
# 
_pdbx_struct_sheet_hbond.sheet_id                AA 
_pdbx_struct_sheet_hbond.range_id_1              1 
_pdbx_struct_sheet_hbond.range_id_2              2 
_pdbx_struct_sheet_hbond.range_1_label_atom_id   N 
_pdbx_struct_sheet_hbond.range_1_label_comp_id   ALA 
_pdbx_struct_sheet_hbond.range_1_label_asym_id   A 
_pdbx_struct_sheet_hbond.range_1_label_seq_id    3 
_pdbx_struct_sheet_hbond.range_1_PDB_ins_code    ? 
_pdbx_struct_sheet_hbond.range_1_auth_atom_id    N 
_pdbx_struct_sheet_hbond.range_1_auth_comp_id    ALA 
_pdbx_struct_sheet_hbond.range_1_auth_asym_id    A 
_pdbx_struct_sheet_hbond.range_1_auth_seq_id     3 
_pdbx_struct_sheet_hbond.range_2_label_atom_id   O 
_pdbx_struct_sheet_hbond.range_2_label_comp_id   ALA 
_pdbx_struct_sheet_hbond.range_2_label_asym_id   B 
_pdbx_struct_sheet_hbond.range_2_label_seq_id    3 
_pdbx_struct_sheet_hbond.range_2_PDB_ins_code    ? 
_pdbx_struct_sheet_hbond.range_2_auth_atom_id    O 
_pdbx_struct_sheet_hbond.range_2_auth_comp_id    ALA 
_pdbx_struct_sheet_hbond.range_2_auth_asym_id    B 
_pdbx_struct_sheet_hbond.range_2_auth_seq_id     3 
# 
loop_
_struct_site.id 
_struct_site.pdbx_evidence_code 
_struct_site.pdbx_auth_asym_id 
_struct_site.pdbx_auth_comp_id 
_struct_site.pdbx_auth_seq_id 
_struct_site.pdbx_auth_ins_code 
_struct_site.pdbx_num_residues 
_struct_site.details 
AC1 Software ? ? ? ? 4 'BINDING SITE FOR CHAIN A OF GRAMICIDIN A' 
AC2 Software ? ? ? ? 4 'BINDING SITE FOR CHAIN B OF GRAMICIDIN A' 
# 
loop_
_struct_site_gen.id 
_struct_site_gen.site_id 
_struct_site_gen.pdbx_num_res 
_struct_site_gen.label_comp_id 
_struct_site_gen.label_asym_id 
_struct_site_gen.label_seq_id 
_struct_site_gen.pdbx_auth_ins_code 
_struct_site_gen.auth_comp_id 
_struct_site_gen.auth_asym_id 
_struct_site_gen.auth_seq_id 
_struct_site_gen.label_atom_id 
_struct_site_gen.label_alt_id 
_struct_site_gen.symmetry 
_struct_site_gen.details 
1 AC1 4 GLY B 2 ? GLY B 2 . ? 1_555 ? 
2 AC1 4 ALA B 3 ? ALA B 3 . ? 1_555 ? 
3 AC1 4 DLE B 4 ? DLE B 4 . ? 1_555 ? 
4 AC1 4 ALA B 5 ? ALA B 5 . ? 1_555 ? 
5 AC2 4 GLY A 2 ? GLY A 2 . ? 1_555 ? 
6 AC2 4 ALA A 3 ? ALA A 3 . ? 1_555 ? 
7 AC2 4 DLE A 4 ? DLE A 4 . ? 1_555 ? 
8 AC2 4 ALA A 5 ? ALA A 5 . ? 1_555 ? 
# 
_pdbx_entry_details.entry_id                   1NT5 
_pdbx_entry_details.compound_details           
;GRAMICIDIN IS A HETEROGENEOUS MIXTURE OF SEVERAL COMPOUNDS
 INCLUDING GRAMICIDIN A, B AND C WHICH ARE OBTAINED FROM
 BACILLUS BREVIS AND CALLED COLLECTIVELY GRAMICIDIN D
 HERE, GRAMICIDIN A IS REPRESENTED BY THE SEQUENCE (SEQRES)
;
_pdbx_entry_details.source_details             ? 
_pdbx_entry_details.nonpolymer_details         ? 
_pdbx_entry_details.sequence_details           ? 
_pdbx_entry_details.has_ligand_of_interest     ? 
_pdbx_entry_details.has_protein_modification   Y 
# 
_pdbx_molecule_features.prd_id    PRD_001127 
_pdbx_molecule_features.name      'GRAMICIDIN A' 
_pdbx_molecule_features.type      Polypeptide 
_pdbx_molecule_features.class     Antibiotic 
_pdbx_molecule_features.details   
;GRAMICIDIN A IS A HEXADECAMERIC HELICAL PEPTIDE 
  WITH ALTERNATING D,L CHARACTERISTICS. 
  THE N-TERM IS FORMYLATED (RESIDUE 0). 
  THE C-TERM IS CAPPED WITH ETHANOLAMINE (RESIDUE 16).
;
# 
loop_
_pdbx_molecule.instance_id 
_pdbx_molecule.prd_id 
_pdbx_molecule.asym_id 
1 PRD_001127 A 
2 PRD_001127 B 
# 
_pdbx_nmr_ensemble.entry_id                                      1NT5 
_pdbx_nmr_ensemble.conformers_calculated_total_number            ? 
_pdbx_nmr_ensemble.conformers_submitted_total_number             1 
_pdbx_nmr_ensemble.conformer_selection_criteria                  ? 
_pdbx_nmr_ensemble.average_constraints_per_residue               ? 
_pdbx_nmr_ensemble.average_constraint_violations_per_residue     ? 
_pdbx_nmr_ensemble.maximum_distance_constraint_violation         ? 
_pdbx_nmr_ensemble.average_distance_constraint_violation         ? 
_pdbx_nmr_ensemble.maximum_upper_distance_constraint_violation   ? 
_pdbx_nmr_ensemble.maximum_lower_distance_constraint_violation   ? 
_pdbx_nmr_ensemble.distance_constraint_violation_method          ? 
_pdbx_nmr_ensemble.maximum_torsion_angle_constraint_violation    ? 
_pdbx_nmr_ensemble.average_torsion_angle_constraint_violation    ? 
_pdbx_nmr_ensemble.torsion_angle_constraint_violation_method     ? 
# 
_pdbx_nmr_representative.entry_id             1NT5 
_pdbx_nmr_representative.conformer_id         ? 
_pdbx_nmr_representative.selection_criteria   'minimized average structure' 
# 
_pdbx_nmr_sample_details.solution_id      1 
_pdbx_nmr_sample_details.contents         
'5MM F1-GRAMICIDIN A, 250MM DEUTERATED SODIUM DODECYL SULFATE, 80% 100MM PHOSPHATE BUFFER PH 6.5, 10% D2O, 10% DEUTERATED TFE' 
_pdbx_nmr_sample_details.solvent_system   ? 
# 
_pdbx_nmr_exptl_sample_conditions.conditions_id       1 
_pdbx_nmr_exptl_sample_conditions.temperature         328 
_pdbx_nmr_exptl_sample_conditions.pressure_units      ? 
_pdbx_nmr_exptl_sample_conditions.pressure            AMBIENT 
_pdbx_nmr_exptl_sample_conditions.pH                  6.5 
_pdbx_nmr_exptl_sample_conditions.ionic_strength      ? 
_pdbx_nmr_exptl_sample_conditions.temperature_units   K 
# 
_pdbx_nmr_exptl.experiment_id   1 
_pdbx_nmr_exptl.conditions_id   1 
_pdbx_nmr_exptl.type            '2D NOESY' 
_pdbx_nmr_exptl.solution_id     1 
# 
_pdbx_nmr_details.entry_id   1NT5 
_pdbx_nmr_details.text       'A 40MSEC MIXING TIME WAS USED IN THE NOESY EXPERIMENT FROM WHICH DISTANCE CONSTRAINTS WERE OBTAINED.' 
# 
_pdbx_nmr_refine.entry_id           1NT5 
_pdbx_nmr_refine.method             'DISTANCE GEOMETRY, SIMULATED ANNEALING, RELAXATION MATRIX CALCULATION, MINIMIZATION' 
_pdbx_nmr_refine.details            
;THE STRUCTURE WAS MODELED USING 650 DISTANCE CONSTRAINTS AND 13 HYDROGEN BOND CONSTRAINTS PER MONOMER, INCLUDING CONSTRAINTS BETWEEN THE MONOMERS. THE C2 SYMMETRY CONSTRAINT DOUBLES THIS NUMBER OF CONSTRAINTS FOR THE DIMER. 100 STRUCTURES WERE GENERATED USING DSPACE, OF WHICH THE 10 WITH THE FEWEST VIOLATIONS FROM THE DISTANCE CONSTRAINTS WERE CHOSEN FOR THE AVERAGE STRUCTURE. THIS AVERAGE STRUCTURE WAS FURTHER REFINED BY CONSTRAINED MINIMIZATION WITH DISCOVER USING THE ALL-ATOM AMBER FORCE FIELD AND A DIELECTRIC CONSTANT OF 2.0 TO EMULATE THAT OF THE MICELLE INTERIOR.
;
_pdbx_nmr_refine.software_ordinal   1 
# 
loop_
_pdbx_nmr_software.classification 
_pdbx_nmr_software.name 
_pdbx_nmr_software.version 
_pdbx_nmr_software.authors 
_pdbx_nmr_software.ordinal 
refinement           'DISCOVER 97.2' ? BIOSYM/MSI 1 
'structure solution' 'VNMR 3.2'      ? ?          2 
'structure solution' 'FELIX 95.0'    ? ?          3 
'structure solution' 'DSPACE 4.0'    ? ?          4 
# 
loop_
_chem_comp_atom.comp_id 
_chem_comp_atom.atom_id 
_chem_comp_atom.type_symbol 
_chem_comp_atom.pdbx_aromatic_flag 
_chem_comp_atom.pdbx_stereo_config 
_chem_comp_atom.pdbx_ordinal 
ALA N    N N N 1   
ALA CA   C N S 2   
ALA C    C N N 3   
ALA O    O N N 4   
ALA CB   C N N 5   
ALA OXT  O N N 6   
ALA H    H N N 7   
ALA H2   H N N 8   
ALA HA   H N N 9   
ALA HB1  H N N 10  
ALA HB2  H N N 11  
ALA HB3  H N N 12  
ALA HXT  H N N 13  
DLE N    N N N 14  
DLE CA   C N R 15  
DLE CB   C N N 16  
DLE CG   C N N 17  
DLE CD1  C N N 18  
DLE CD2  C N N 19  
DLE C    C N N 20  
DLE O    O N N 21  
DLE OXT  O N N 22  
DLE H    H N N 23  
DLE H2   H N N 24  
DLE HA   H N N 25  
DLE HB2  H N N 26  
DLE HB3  H N N 27  
DLE HG   H N N 28  
DLE HD11 H N N 29  
DLE HD12 H N N 30  
DLE HD13 H N N 31  
DLE HD21 H N N 32  
DLE HD22 H N N 33  
DLE HD23 H N N 34  
DLE HXT  H N N 35  
DVA N    N N N 36  
DVA CA   C N R 37  
DVA CB   C N N 38  
DVA CG1  C N N 39  
DVA CG2  C N N 40  
DVA C    C N N 41  
DVA O    O N N 42  
DVA OXT  O N N 43  
DVA H    H N N 44  
DVA H2   H N N 45  
DVA HA   H N N 46  
DVA HB   H N N 47  
DVA HG11 H N N 48  
DVA HG12 H N N 49  
DVA HG13 H N N 50  
DVA HG21 H N N 51  
DVA HG22 H N N 52  
DVA HG23 H N N 53  
DVA HXT  H N N 54  
ETA CA   C N N 55  
ETA N    N N N 56  
ETA C    C N N 57  
ETA O    O N N 58  
ETA HA1  H N N 59  
ETA HA2  H N N 60  
ETA H    H N N 61  
ETA H2   H N N 62  
ETA HB1  H N N 63  
ETA HB2  H N N 64  
ETA HO   H N N 65  
GLY N    N N N 66  
GLY CA   C N N 67  
GLY C    C N N 68  
GLY O    O N N 69  
GLY OXT  O N N 70  
GLY H    H N N 71  
GLY H2   H N N 72  
GLY HA2  H N N 73  
GLY HA3  H N N 74  
GLY HXT  H N N 75  
PBA B    B N N 76  
PBA O1   O N N 77  
PBA O2   O N N 78  
PBA CA   C N N 79  
PBA CB   C N N 80  
PBA CG   C Y N 81  
PBA CD1  C Y N 82  
PBA CD2  C Y N 83  
PBA CE1  C Y N 84  
PBA CE2  C Y N 85  
PBA CZ   C Y N 86  
PBA HO1  H N N 87  
PBA HO2  H N N 88  
PBA HA1  H N N 89  
PBA HA2  H N N 90  
PBA HB1  H N N 91  
PBA HB2  H N N 92  
PBA HD1  H N N 93  
PBA HD2  H N N 94  
PBA HE1  H N N 95  
PBA HE2  H N N 96  
PBA HZ   H N N 97  
PVA CA   C N R 98  
PVA C2   C N N 99  
PVA C3   C N N 100 
PVA CM   C N N 101 
PVA N    N N N 102 
PVA P    P N N 103 
PVA O1P  O N N 104 
PVA OXT  O N N 105 
PVA O3P  O N N 106 
PVA HA   H N N 107 
PVA H21  H N N 108 
PVA H31  H N N 109 
PVA H32  H N N 110 
PVA H33  H N N 111 
PVA HM1  H N N 112 
PVA HM2  H N N 113 
PVA HM3  H N N 114 
PVA H    H N N 115 
PVA H2   H N N 116 
PVA HXT  H N N 117 
PVA HOP3 H N N 118 
QPH C    C N N 119 
QPH N    N N N 120 
QPH O    O N N 121 
QPH CA   C N S 122 
QPH CB   C N N 123 
QPH CG   C Y N 124 
QPH CZ   C Y N 125 
QPH CD1  C Y N 126 
QPH CD2  C Y N 127 
QPH CE1  C Y N 128 
QPH CE2  C Y N 129 
QPH H    H N N 130 
QPH HA   H N N 131 
QPH HZ   H N N 132 
QPH HB2  H N N 133 
QPH HB3  H N N 134 
QPH HD1  H N N 135 
QPH HD2  H N N 136 
QPH HE1  H N N 137 
QPH HE2  H N N 138 
QPH O1   O N N 139 
QPH CN   C N N 140 
QPH HNA  H N N 141 
QPH OXT  O N N 142 
QPH HXT  H N N 143 
TRP N    N N N 144 
TRP CA   C N S 145 
TRP C    C N N 146 
TRP O    O N N 147 
TRP CB   C N N 148 
TRP CG   C Y N 149 
TRP CD1  C Y N 150 
TRP CD2  C Y N 151 
TRP NE1  N Y N 152 
TRP CE2  C Y N 153 
TRP CE3  C Y N 154 
TRP CZ2  C Y N 155 
TRP CZ3  C Y N 156 
TRP CH2  C Y N 157 
TRP OXT  O N N 158 
TRP H    H N N 159 
TRP H2   H N N 160 
TRP HA   H N N 161 
TRP HB2  H N N 162 
TRP HB3  H N N 163 
TRP HD1  H N N 164 
TRP HE1  H N N 165 
TRP HE3  H N N 166 
TRP HZ2  H N N 167 
TRP HZ3  H N N 168 
TRP HH2  H N N 169 
TRP HXT  H N N 170 
VAL N    N N N 171 
VAL CA   C N S 172 
VAL C    C N N 173 
VAL O    O N N 174 
VAL CB   C N N 175 
VAL CG1  C N N 176 
VAL CG2  C N N 177 
VAL OXT  O N N 178 
VAL H    H N N 179 
VAL H2   H N N 180 
VAL HA   H N N 181 
VAL HB   H N N 182 
VAL HG11 H N N 183 
VAL HG12 H N N 184 
VAL HG13 H N N 185 
VAL HG21 H N N 186 
VAL HG22 H N N 187 
VAL HG23 H N N 188 
VAL HXT  H N N 189 
# 
loop_
_chem_comp_bond.comp_id 
_chem_comp_bond.atom_id_1 
_chem_comp_bond.atom_id_2 
_chem_comp_bond.value_order 
_chem_comp_bond.pdbx_aromatic_flag 
_chem_comp_bond.pdbx_stereo_config 
_chem_comp_bond.pdbx_ordinal 
ALA N   CA   sing N N 1   
ALA N   H    sing N N 2   
ALA N   H2   sing N N 3   
ALA CA  C    sing N N 4   
ALA CA  CB   sing N N 5   
ALA CA  HA   sing N N 6   
ALA C   O    doub N N 7   
ALA C   OXT  sing N N 8   
ALA CB  HB1  sing N N 9   
ALA CB  HB2  sing N N 10  
ALA CB  HB3  sing N N 11  
ALA OXT HXT  sing N N 12  
DLE N   CA   sing N N 13  
DLE N   H    sing N N 14  
DLE N   H2   sing N N 15  
DLE CA  CB   sing N N 16  
DLE CA  C    sing N N 17  
DLE CA  HA   sing N N 18  
DLE CB  CG   sing N N 19  
DLE CB  HB2  sing N N 20  
DLE CB  HB3  sing N N 21  
DLE CG  CD1  sing N N 22  
DLE CG  CD2  sing N N 23  
DLE CG  HG   sing N N 24  
DLE CD1 HD11 sing N N 25  
DLE CD1 HD12 sing N N 26  
DLE CD1 HD13 sing N N 27  
DLE CD2 HD21 sing N N 28  
DLE CD2 HD22 sing N N 29  
DLE CD2 HD23 sing N N 30  
DLE C   O    doub N N 31  
DLE C   OXT  sing N N 32  
DLE OXT HXT  sing N N 33  
DVA N   CA   sing N N 34  
DVA N   H    sing N N 35  
DVA N   H2   sing N N 36  
DVA CA  CB   sing N N 37  
DVA CA  C    sing N N 38  
DVA CA  HA   sing N N 39  
DVA CB  CG1  sing N N 40  
DVA CB  CG2  sing N N 41  
DVA CB  HB   sing N N 42  
DVA CG1 HG11 sing N N 43  
DVA CG1 HG12 sing N N 44  
DVA CG1 HG13 sing N N 45  
DVA CG2 HG21 sing N N 46  
DVA CG2 HG22 sing N N 47  
DVA CG2 HG23 sing N N 48  
DVA C   O    doub N N 49  
DVA C   OXT  sing N N 50  
DVA OXT HXT  sing N N 51  
ETA CA  N    sing N N 52  
ETA CA  C    sing N N 53  
ETA CA  HA1  sing N N 54  
ETA CA  HA2  sing N N 55  
ETA N   H    sing N N 56  
ETA N   H2   sing N N 57  
ETA C   O    sing N N 58  
ETA C   HB1  sing N N 59  
ETA C   HB2  sing N N 60  
ETA O   HO   sing N N 61  
GLY N   CA   sing N N 62  
GLY N   H    sing N N 63  
GLY N   H2   sing N N 64  
GLY CA  C    sing N N 65  
GLY CA  HA2  sing N N 66  
GLY CA  HA3  sing N N 67  
GLY C   O    doub N N 68  
GLY C   OXT  sing N N 69  
GLY OXT HXT  sing N N 70  
PBA B   O1   sing N N 71  
PBA B   O2   sing N N 72  
PBA B   CA   sing N N 73  
PBA O1  HO1  sing N N 74  
PBA O2  HO2  sing N N 75  
PBA CA  CB   sing N N 76  
PBA CA  HA1  sing N N 77  
PBA CA  HA2  sing N N 78  
PBA CB  CG   sing N N 79  
PBA CB  HB1  sing N N 80  
PBA CB  HB2  sing N N 81  
PBA CG  CD1  doub Y N 82  
PBA CG  CD2  sing Y N 83  
PBA CD1 CE1  sing Y N 84  
PBA CD1 HD1  sing N N 85  
PBA CD2 CE2  doub Y N 86  
PBA CD2 HD2  sing N N 87  
PBA CE1 CZ   doub Y N 88  
PBA CE1 HE1  sing N N 89  
PBA CE2 CZ   sing Y N 90  
PBA CE2 HE2  sing N N 91  
PBA CZ  HZ   sing N N 92  
PVA CA  C2   sing N N 93  
PVA CA  N    sing N N 94  
PVA CA  P    sing N N 95  
PVA CA  HA   sing N N 96  
PVA C2  C3   sing N N 97  
PVA C2  CM   sing N N 98  
PVA C2  H21  sing N N 99  
PVA C3  H31  sing N N 100 
PVA C3  H32  sing N N 101 
PVA C3  H33  sing N N 102 
PVA CM  HM1  sing N N 103 
PVA CM  HM2  sing N N 104 
PVA CM  HM3  sing N N 105 
PVA N   H    sing N N 106 
PVA N   H2   sing N N 107 
PVA P   O1P  doub N N 108 
PVA P   OXT  sing N N 109 
PVA P   O3P  sing N N 110 
PVA OXT HXT  sing N N 111 
PVA O3P HOP3 sing N N 112 
QPH CA  C    sing N N 113 
QPH O   C    doub N N 114 
QPH CN  N    sing N N 115 
QPH H   N    sing N N 116 
QPH N   CA   sing N N 117 
QPH HA  CA   sing N N 118 
QPH CA  CB   sing N N 119 
QPH HB2 CB   sing N N 120 
QPH HB3 CB   sing N N 121 
QPH CB  CG   sing N N 122 
QPH CG  CD1  doub Y N 123 
QPH CG  CD2  sing Y N 124 
QPH CE1 CZ   doub Y N 125 
QPH CE2 CZ   sing Y N 126 
QPH CZ  HZ   sing N N 127 
QPH HD1 CD1  sing N N 128 
QPH CD1 CE1  sing Y N 129 
QPH HD2 CD2  sing N N 130 
QPH CD2 CE2  doub Y N 131 
QPH CE1 HE1  sing N N 132 
QPH CE2 HE2  sing N N 133 
QPH CN  O1   doub N N 134 
QPH HNA CN   sing N N 135 
QPH C   OXT  sing N N 136 
QPH OXT HXT  sing N N 137 
TRP N   CA   sing N N 138 
TRP N   H    sing N N 139 
TRP N   H2   sing N N 140 
TRP CA  C    sing N N 141 
TRP CA  CB   sing N N 142 
TRP CA  HA   sing N N 143 
TRP C   O    doub N N 144 
TRP C   OXT  sing N N 145 
TRP CB  CG   sing N N 146 
TRP CB  HB2  sing N N 147 
TRP CB  HB3  sing N N 148 
TRP CG  CD1  doub Y N 149 
TRP CG  CD2  sing Y N 150 
TRP CD1 NE1  sing Y N 151 
TRP CD1 HD1  sing N N 152 
TRP CD2 CE2  doub Y N 153 
TRP CD2 CE3  sing Y N 154 
TRP NE1 CE2  sing Y N 155 
TRP NE1 HE1  sing N N 156 
TRP CE2 CZ2  sing Y N 157 
TRP CE3 CZ3  doub Y N 158 
TRP CE3 HE3  sing N N 159 
TRP CZ2 CH2  doub Y N 160 
TRP CZ2 HZ2  sing N N 161 
TRP CZ3 CH2  sing Y N 162 
TRP CZ3 HZ3  sing N N 163 
TRP CH2 HH2  sing N N 164 
TRP OXT HXT  sing N N 165 
VAL N   CA   sing N N 166 
VAL N   H    sing N N 167 
VAL N   H2   sing N N 168 
VAL CA  C    sing N N 169 
VAL CA  CB   sing N N 170 
VAL CA  HA   sing N N 171 
VAL C   O    doub N N 172 
VAL C   OXT  sing N N 173 
VAL CB  CG1  sing N N 174 
VAL CB  CG2  sing N N 175 
VAL CB  HB   sing N N 176 
VAL CG1 HG11 sing N N 177 
VAL CG1 HG12 sing N N 178 
VAL CG1 HG13 sing N N 179 
VAL CG2 HG21 sing N N 180 
VAL CG2 HG22 sing N N 181 
VAL CG2 HG23 sing N N 182 
VAL OXT HXT  sing N N 183 
# 
_pdbx_nmr_spectrometer.spectrometer_id   1 
_pdbx_nmr_spectrometer.model             VXRS 
_pdbx_nmr_spectrometer.manufacturer      Varian 
_pdbx_nmr_spectrometer.field_strength    500 
_pdbx_nmr_spectrometer.type              ? 
# 
_atom_sites.entry_id                    1NT5 
_atom_sites.fract_transf_matrix[1][1]   1.000000 
_atom_sites.fract_transf_matrix[1][2]   0.000000 
_atom_sites.fract_transf_matrix[1][3]   0.000000 
_atom_sites.fract_transf_matrix[2][1]   0.000000 
_atom_sites.fract_transf_matrix[2][2]   1.000000 
_atom_sites.fract_transf_matrix[2][3]   0.000000 
_atom_sites.fract_transf_matrix[3][1]   0.000000 
_atom_sites.fract_transf_matrix[3][2]   0.000000 
_atom_sites.fract_transf_matrix[3][3]   1.000000 
_atom_sites.fract_transf_vector[1]      0.00000 
_atom_sites.fract_transf_vector[2]      0.00000 
_atom_sites.fract_transf_vector[3]      0.00000 
# 
loop_
_atom_type.symbol 
C 
H 
N 
O 
# 
loop_
_atom_site.group_PDB 
_atom_site.id 
_atom_site.type_symbol 
_atom_site.label_atom_id 
_atom_site.label_alt_id 
_atom_site.label_comp_id 
_atom_site.label_asym_id 
_atom_site.label_entity_id 
_atom_site.label_seq_id 
_atom_site.pdbx_PDB_ins_code 
_atom_site.Cartn_x 
_atom_site.Cartn_y 
_atom_site.Cartn_z 
_atom_site.occupancy 
_atom_site.B_iso_or_equiv 
_atom_site.pdbx_formal_charge 
_atom_site.auth_seq_id 
_atom_site.auth_comp_id 
_atom_site.auth_asym_id 
_atom_site.auth_atom_id 
_atom_site.pdbx_PDB_model_num 
HETATM 1   C C    . QPH A 1 1  ? -0.799 2.946  0.386   1.00 0.00 ? 1  QPH A C    1 
HETATM 2   N N    . QPH A 1 1  ? 1.613  3.503  0.091   1.00 0.00 ? 1  QPH A N    1 
HETATM 3   O O    . QPH A 1 1  ? -0.848 2.242  -0.625  1.00 0.00 ? 1  QPH A O    1 
HETATM 4   C CA   . QPH A 1 1  ? 0.319  3.995  0.563   1.00 0.00 ? 1  QPH A CA   1 
HETATM 5   C CB   . QPH A 1 1  ? -0.005 5.315  -0.159  1.00 0.00 ? 1  QPH A CB   1 
HETATM 6   C CG   . QPH A 1 1  ? -1.417 5.836  0.055   1.00 0.00 ? 1  QPH A CG   1 
HETATM 7   C CZ   . QPH A 1 1  ? -4.070 6.729  0.450   1.00 0.00 ? 1  QPH A CZ   1 
HETATM 8   C CD1  . QPH A 1 1  ? -1.751 6.580  1.208   1.00 0.00 ? 1  QPH A CD1  1 
HETATM 9   C CD2  . QPH A 1 1  ? -2.426 5.503  -0.875  1.00 0.00 ? 1  QPH A CD2  1 
HETATM 10  C CE1  . QPH A 1 1  ? -3.075 7.026  1.405   1.00 0.00 ? 1  QPH A CE1  1 
HETATM 11  C CE2  . QPH A 1 1  ? -3.740 5.986  -0.702  1.00 0.00 ? 1  QPH A CE2  1 
HETATM 12  H H    . QPH A 1 1  ? 1.602  2.915  -0.731  1.00 0.00 ? 1  QPH A H    1 
HETATM 13  H HA   . QPH A 1 1  ? 0.407  4.214  1.623   1.00 0.00 ? 1  QPH A HA   1 
HETATM 14  H HZ   . QPH A 1 1  ? -5.088 7.061  0.598   1.00 0.00 ? 1  QPH A HZ   1 
HETATM 15  H HB2  . QPH A 1 1  ? 0.707  6.078  0.161   1.00 0.00 ? 1  QPH A HB2  1 
HETATM 16  H HB3  . QPH A 1 1  ? 0.148  5.169  -1.228  1.00 0.00 ? 1  QPH A HB3  1 
HETATM 17  H HD1  . QPH A 1 1  ? -1.000 6.791  1.955   1.00 0.00 ? 1  QPH A HD1  1 
HETATM 18  O O1   . QPH A 1 1  ? 2.907  4.519  1.613   1.00 0.00 ? 1  QPH A O1   1 
HETATM 19  H HD2  . QPH A 1 1  ? -2.189 4.859  -1.707  1.00 0.00 ? 1  QPH A HD2  1 
HETATM 20  C CN   . QPH A 1 1  ? 2.800  3.822  0.612   1.00 0.00 ? 1  QPH A CN   1 
HETATM 21  H HE1  . QPH A 1 1  ? -3.327 7.591  2.291   1.00 0.00 ? 1  QPH A HE1  1 
HETATM 22  H HE2  . QPH A 1 1  ? -4.490 5.786  -1.452  1.00 0.00 ? 1  QPH A HE2  1 
HETATM 23  H HNA  . QPH A 1 1  ? 3.702  3.455  0.135   1.00 0.00 ? 1  QPH A HNA  1 
ATOM   24  N N    . GLY A 1 2  ? -1.721 2.881  1.356   1.00 0.00 ? 2  GLY A N    1 
ATOM   25  C CA   . GLY A 1 2  ? -2.900 2.013  1.350   1.00 0.00 ? 2  GLY A CA   1 
ATOM   26  C C    . GLY A 1 2  ? -2.750 0.762  2.232   1.00 0.00 ? 2  GLY A C    1 
ATOM   27  O O    . GLY A 1 2  ? -2.156 0.820  3.307   1.00 0.00 ? 2  GLY A O    1 
ATOM   28  H H    . GLY A 1 2  ? -1.608 3.521  2.135   1.00 0.00 ? 2  GLY A H    1 
ATOM   29  H HA2  . GLY A 1 2  ? -3.738 2.590  1.743   1.00 0.00 ? 2  GLY A HA2  1 
ATOM   30  H HA3  . GLY A 1 2  ? -3.154 1.726  0.328   1.00 0.00 ? 2  GLY A HA3  1 
ATOM   31  N N    . ALA A 1 3  ? -3.338 -0.363 1.805   1.00 0.00 ? 3  ALA A N    1 
ATOM   32  C CA   . ALA A 1 3  ? -3.402 -1.625 2.545   1.00 0.00 ? 3  ALA A CA   1 
ATOM   33  C C    . ALA A 1 3  ? -2.225 -2.561 2.199   1.00 0.00 ? 3  ALA A C    1 
ATOM   34  O O    . ALA A 1 3  ? -2.116 -3.024 1.066   1.00 0.00 ? 3  ALA A O    1 
ATOM   35  C CB   . ALA A 1 3  ? -4.758 -2.292 2.279   1.00 0.00 ? 3  ALA A CB   1 
ATOM   36  H H    . ALA A 1 3  ? -3.763 -0.343 0.888   1.00 0.00 ? 3  ALA A H    1 
ATOM   37  H HA   . ALA A 1 3  ? -3.380 -1.409 3.614   1.00 0.00 ? 3  ALA A HA   1 
ATOM   38  H HB1  . ALA A 1 3  ? -4.902 -2.450 1.211   1.00 0.00 ? 3  ALA A HB1  1 
ATOM   39  H HB2  . ALA A 1 3  ? -4.813 -3.257 2.784   1.00 0.00 ? 3  ALA A HB2  1 
ATOM   40  H HB3  . ALA A 1 3  ? -5.562 -1.658 2.657   1.00 0.00 ? 3  ALA A HB3  1 
HETATM 41  N N    . DLE A 1 4  ? -1.370 -2.852 3.187   1.00 0.00 ? 4  DLE A N    1 
HETATM 42  C CA   . DLE A 1 4  ? -0.145 -3.654 3.103   1.00 0.00 ? 4  DLE A CA   1 
HETATM 43  C CB   . DLE A 1 4  ? -0.440 -5.122 3.487   1.00 0.00 ? 4  DLE A CB   1 
HETATM 44  C CG   . DLE A 1 4  ? -1.134 -5.954 2.388   1.00 0.00 ? 4  DLE A CG   1 
HETATM 45  C CD1  . DLE A 1 4  ? -0.148 -6.393 1.295   1.00 0.00 ? 4  DLE A CD1  1 
HETATM 46  C CD2  . DLE A 1 4  ? -1.770 -7.210 3.006   1.00 0.00 ? 4  DLE A CD2  1 
HETATM 47  C C    . DLE A 1 4  ? 0.897  -3.030 4.054   1.00 0.00 ? 4  DLE A C    1 
HETATM 48  O O    . DLE A 1 4  ? 0.873  -3.288 5.257   1.00 0.00 ? 4  DLE A O    1 
HETATM 49  H H    . DLE A 1 4  ? -1.559 -2.425 4.084   1.00 0.00 ? 4  DLE A H    1 
HETATM 50  H HA   . DLE A 1 4  ? 0.261  -3.627 2.092   1.00 0.00 ? 4  DLE A HA   1 
HETATM 51  H HB2  . DLE A 1 4  ? 0.491  -5.627 3.750   1.00 0.00 ? 4  DLE A HB2  1 
HETATM 52  H HB3  . DLE A 1 4  ? -1.072 -5.114 4.376   1.00 0.00 ? 4  DLE A HB3  1 
HETATM 53  H HG   . DLE A 1 4  ? -1.929 -5.367 1.929   1.00 0.00 ? 4  DLE A HG   1 
HETATM 54  H HD11 . DLE A 1 4  ? 0.391  -5.542 0.886   1.00 0.00 ? 4  DLE A HD11 1 
HETATM 55  H HD12 . DLE A 1 4  ? 0.571  -7.099 1.710   1.00 0.00 ? 4  DLE A HD12 1 
HETATM 56  H HD13 . DLE A 1 4  ? -0.687 -6.884 0.484   1.00 0.00 ? 4  DLE A HD13 1 
HETATM 57  H HD21 . DLE A 1 4  ? -2.513 -6.926 3.749   1.00 0.00 ? 4  DLE A HD21 1 
HETATM 58  H HD22 . DLE A 1 4  ? -2.260 -7.799 2.230   1.00 0.00 ? 4  DLE A HD22 1 
HETATM 59  H HD23 . DLE A 1 4  ? -1.005 -7.822 3.487   1.00 0.00 ? 4  DLE A HD23 1 
ATOM   60  N N    . ALA A 1 5  ? 1.794  -2.185 3.528   1.00 0.00 ? 5  ALA A N    1 
ATOM   61  C CA   . ALA A 1 5  ? 2.747  -1.400 4.320   1.00 0.00 ? 5  ALA A CA   1 
ATOM   62  C C    . ALA A 1 5  ? 2.973  -0.001 3.721   1.00 0.00 ? 5  ALA A C    1 
ATOM   63  O O    . ALA A 1 5  ? 2.962  0.162  2.502   1.00 0.00 ? 5  ALA A O    1 
ATOM   64  C CB   . ALA A 1 5  ? 4.080  -2.147 4.455   1.00 0.00 ? 5  ALA A CB   1 
ATOM   65  H H    . ALA A 1 5  ? 1.739  -1.991 2.535   1.00 0.00 ? 5  ALA A H    1 
ATOM   66  H HA   . ALA A 1 5  ? 2.338  -1.274 5.321   1.00 0.00 ? 5  ALA A HA   1 
ATOM   67  H HB1  . ALA A 1 5  ? 3.916  -3.168 4.799   1.00 0.00 ? 5  ALA A HB1  1 
ATOM   68  H HB2  . ALA A 1 5  ? 4.600  -2.178 3.499   1.00 0.00 ? 5  ALA A HB2  1 
ATOM   69  H HB3  . ALA A 1 5  ? 4.713  -1.634 5.182   1.00 0.00 ? 5  ALA A HB3  1 
HETATM 70  N N    . DVA A 1 6  ? 3.227  0.998  4.575   1.00 0.00 ? 6  DVA A N    1 
HETATM 71  C CA   . DVA A 1 6  ? 3.545  2.372  4.172   1.00 0.00 ? 6  DVA A CA   1 
HETATM 72  C CB   . DVA A 1 6  ? 5.072  2.613  4.216   1.00 0.00 ? 6  DVA A CB   1 
HETATM 73  C CG1  . DVA A 1 6  ? 5.890  1.481  3.567   1.00 0.00 ? 6  DVA A CG1  1 
HETATM 74  C CG2  . DVA A 1 6  ? 5.440  3.930  3.516   1.00 0.00 ? 6  DVA A CG2  1 
HETATM 75  C C    . DVA A 1 6  ? 2.767  3.368  5.056   1.00 0.00 ? 6  DVA A C    1 
HETATM 76  O O    . DVA A 1 6  ? 2.849  3.311  6.282   1.00 0.00 ? 6  DVA A O    1 
HETATM 77  H H    . DVA A 1 6  ? 3.190  0.795  5.567   1.00 0.00 ? 6  DVA A H    1 
HETATM 78  H HA   . DVA A 1 6  ? 3.226  2.515  3.140   1.00 0.00 ? 6  DVA A HA   1 
HETATM 79  H HB   . DVA A 1 6  ? 5.375  2.682  5.258   1.00 0.00 ? 6  DVA A HB   1 
HETATM 80  H HG11 . DVA A 1 6  ? 5.576  1.335  2.533   1.00 0.00 ? 6  DVA A HG11 1 
HETATM 81  H HG12 . DVA A 1 6  ? 6.950  1.734  3.585   1.00 0.00 ? 6  DVA A HG12 1 
HETATM 82  H HG13 . DVA A 1 6  ? 5.760  0.547  4.114   1.00 0.00 ? 6  DVA A HG13 1 
HETATM 83  H HG21 . DVA A 1 6  ? 4.802  4.739  3.864   1.00 0.00 ? 6  DVA A HG21 1 
HETATM 84  H HG22 . DVA A 1 6  ? 6.479  4.185  3.727   1.00 0.00 ? 6  DVA A HG22 1 
HETATM 85  H HG23 . DVA A 1 6  ? 5.316  3.830  2.438   1.00 0.00 ? 6  DVA A HG23 1 
ATOM   86  N N    . VAL A 1 7  ? 1.992  4.259  4.423   1.00 0.00 ? 7  VAL A N    1 
ATOM   87  C CA   . VAL A 1 7  ? 0.991  5.133  5.042   1.00 0.00 ? 7  VAL A CA   1 
ATOM   88  C C    . VAL A 1 7  ? -0.427 4.615  4.702   1.00 0.00 ? 7  VAL A C    1 
ATOM   89  O O    . VAL A 1 7  ? -0.860 4.693  3.555   1.00 0.00 ? 7  VAL A O    1 
ATOM   90  C CB   . VAL A 1 7  ? 1.243  6.608  4.630   1.00 0.00 ? 7  VAL A CB   1 
ATOM   91  C CG1  . VAL A 1 7  ? 1.742  6.793  3.186   1.00 0.00 ? 7  VAL A CG1  1 
ATOM   92  C CG2  . VAL A 1 7  ? 0.013  7.494  4.868   1.00 0.00 ? 7  VAL A CG2  1 
ATOM   93  H H    . VAL A 1 7  ? 2.057  4.289  3.414   1.00 0.00 ? 7  VAL A H    1 
ATOM   94  H HA   . VAL A 1 7  ? 1.098  5.107  6.129   1.00 0.00 ? 7  VAL A HA   1 
ATOM   95  H HB   . VAL A 1 7  ? 2.032  6.993  5.279   1.00 0.00 ? 7  VAL A HB   1 
ATOM   96  H HG11 . VAL A 1 7  ? 1.127  6.223  2.494   1.00 0.00 ? 7  VAL A HG11 1 
ATOM   97  H HG12 . VAL A 1 7  ? 1.718  7.841  2.892   1.00 0.00 ? 7  VAL A HG12 1 
ATOM   98  H HG13 . VAL A 1 7  ? 2.775  6.453  3.109   1.00 0.00 ? 7  VAL A HG13 1 
ATOM   99  H HG21 . VAL A 1 7  ? -0.360 7.344  5.879   1.00 0.00 ? 7  VAL A HG21 1 
ATOM   100 H HG22 . VAL A 1 7  ? 0.285  8.541  4.735   1.00 0.00 ? 7  VAL A HG22 1 
ATOM   101 H HG23 . VAL A 1 7  ? -0.774 7.254  4.155   1.00 0.00 ? 7  VAL A HG23 1 
HETATM 102 N N    . DVA A 1 8  ? -1.158 4.073  5.687   1.00 0.00 ? 8  DVA A N    1 
HETATM 103 C CA   . DVA A 1 8  ? -2.458 3.413  5.497   1.00 0.00 ? 8  DVA A CA   1 
HETATM 104 C CB   . DVA A 1 8  ? -3.629 4.403  5.707   1.00 0.00 ? 8  DVA A CB   1 
HETATM 105 C CG1  . DVA A 1 8  ? -3.538 5.661  4.830   1.00 0.00 ? 8  DVA A CG1  1 
HETATM 106 C CG2  . DVA A 1 8  ? -4.974 3.708  5.414   1.00 0.00 ? 8  DVA A CG2  1 
HETATM 107 C C    . DVA A 1 8  ? -2.610 2.217  6.460   1.00 0.00 ? 8  DVA A C    1 
HETATM 108 O O    . DVA A 1 8  ? -2.352 2.344  7.655   1.00 0.00 ? 8  DVA A O    1 
HETATM 109 H H    . DVA A 1 8  ? -0.753 4.040  6.614   1.00 0.00 ? 8  DVA A H    1 
HETATM 110 H HA   . DVA A 1 8  ? -2.520 3.050  4.469   1.00 0.00 ? 8  DVA A HA   1 
HETATM 111 H HB   . DVA A 1 8  ? -3.617 4.732  6.748   1.00 0.00 ? 8  DVA A HB   1 
HETATM 112 H HG11 . DVA A 1 8  ? -3.463 5.381  3.780   1.00 0.00 ? 8  DVA A HG11 1 
HETATM 113 H HG12 . DVA A 1 8  ? -4.425 6.281  4.966   1.00 0.00 ? 8  DVA A HG12 1 
HETATM 114 H HG13 . DVA A 1 8  ? -2.673 6.256  5.115   1.00 0.00 ? 8  DVA A HG13 1 
HETATM 115 H HG21 . DVA A 1 8  ? -5.147 2.879  6.101   1.00 0.00 ? 8  DVA A HG21 1 
HETATM 116 H HG22 . DVA A 1 8  ? -5.799 4.410  5.528   1.00 0.00 ? 8  DVA A HG22 1 
HETATM 117 H HG23 . DVA A 1 8  ? -4.980 3.322  4.394   1.00 0.00 ? 8  DVA A HG23 1 
ATOM   118 N N    . TRP A 1 9  ? -3.104 1.074  5.968   1.00 0.00 ? 9  TRP A N    1 
ATOM   119 C CA   . TRP A 1 9  ? -3.483 -0.082 6.785   1.00 0.00 ? 9  TRP A CA   1 
ATOM   120 C C    . TRP A 1 9  ? -2.435 -1.211 6.720   1.00 0.00 ? 9  TRP A C    1 
ATOM   121 O O    . TRP A 1 9  ? -1.885 -1.490 5.657   1.00 0.00 ? 9  TRP A O    1 
ATOM   122 C CB   . TRP A 1 9  ? -4.877 -0.568 6.361   1.00 0.00 ? 9  TRP A CB   1 
ATOM   123 C CG   . TRP A 1 9  ? -5.404 -1.737 7.143   1.00 0.00 ? 9  TRP A CG   1 
ATOM   124 C CD1  . TRP A 1 9  ? -6.047 -1.675 8.332   1.00 0.00 ? 9  TRP A CD1  1 
ATOM   125 C CD2  . TRP A 1 9  ? -5.286 -3.156 6.829   1.00 0.00 ? 9  TRP A CD2  1 
ATOM   126 N NE1  . TRP A 1 9  ? -6.360 -2.947 8.767   1.00 0.00 ? 9  TRP A NE1  1 
ATOM   127 C CE2  . TRP A 1 9  ? -5.908 -3.902 7.879   1.00 0.00 ? 9  TRP A CE2  1 
ATOM   128 C CE3  . TRP A 1 9  ? -4.701 -3.892 5.770   1.00 0.00 ? 9  TRP A CE3  1 
ATOM   129 C CZ2  . TRP A 1 9  ? -5.960 -5.309 7.871   1.00 0.00 ? 9  TRP A CZ2  1 
ATOM   130 C CZ3  . TRP A 1 9  ? -4.764 -5.302 5.741   1.00 0.00 ? 9  TRP A CZ3  1 
ATOM   131 C CH2  . TRP A 1 9  ? -5.385 -6.010 6.793   1.00 0.00 ? 9  TRP A CH2  1 
ATOM   132 H H    . TRP A 1 9  ? -3.217 1.001  4.965   1.00 0.00 ? 9  TRP A H    1 
ATOM   133 H HA   . TRP A 1 9  ? -3.589 0.236  7.822   1.00 0.00 ? 9  TRP A HA   1 
ATOM   134 H HB2  . TRP A 1 9  ? -5.585 0.257  6.461   1.00 0.00 ? 9  TRP A HB2  1 
ATOM   135 H HB3  . TRP A 1 9  ? -4.858 -0.848 5.307   1.00 0.00 ? 9  TRP A HB3  1 
ATOM   136 H HD1  . TRP A 1 9  ? -6.277 -0.763 8.867   1.00 0.00 ? 9  TRP A HD1  1 
ATOM   137 H HE1  . TRP A 1 9  ? -6.850 -3.177 9.619   1.00 0.00 ? 9  TRP A HE1  1 
ATOM   138 H HE3  . TRP A 1 9  ? -4.193 -3.365 4.978   1.00 0.00 ? 9  TRP A HE3  1 
ATOM   139 H HZ2  . TRP A 1 9  ? -6.434 -5.843 8.682   1.00 0.00 ? 9  TRP A HZ2  1 
ATOM   140 H HZ3  . TRP A 1 9  ? -4.333 -5.838 4.908   1.00 0.00 ? 9  TRP A HZ3  1 
ATOM   141 H HH2  . TRP A 1 9  ? -5.420 -7.091 6.768   1.00 0.00 ? 9  TRP A HH2  1 
HETATM 142 N N    . DLE A 1 10 ? -2.188 -1.891 7.849   1.00 0.00 ? 10 DLE A N    1 
HETATM 143 C CA   . DLE A 1 10 ? -1.307 -3.059 7.951   1.00 0.00 ? 10 DLE A CA   1 
HETATM 144 C CB   . DLE A 1 10 ? -2.076 -4.223 8.605   1.00 0.00 ? 10 DLE A CB   1 
HETATM 145 C CG   . DLE A 1 10 ? -1.326 -5.572 8.596   1.00 0.00 ? 10 DLE A CG   1 
HETATM 146 C CD1  . DLE A 1 10 ? -2.108 -6.594 9.435   1.00 0.00 ? 10 DLE A CD1  1 
HETATM 147 C CD2  . DLE A 1 10 ? -1.143 -6.119 7.173   1.00 0.00 ? 10 DLE A CD2  1 
HETATM 148 C C    . DLE A 1 10 ? -0.019 -2.695 8.712   1.00 0.00 ? 10 DLE A C    1 
HETATM 149 O O    . DLE A 1 10 ? 0.068  -2.907 9.923   1.00 0.00 ? 10 DLE A O    1 
HETATM 150 H H    . DLE A 1 10 ? -2.622 -1.553 8.699   1.00 0.00 ? 10 DLE A H    1 
HETATM 151 H HA   . DLE A 1 10 ? -1.031 -3.392 6.951   1.00 0.00 ? 10 DLE A HA   1 
HETATM 152 H HB2  . DLE A 1 10 ? -2.302 -3.957 9.638   1.00 0.00 ? 10 DLE A HB2  1 
HETATM 153 H HB3  . DLE A 1 10 ? -3.023 -4.361 8.085   1.00 0.00 ? 10 DLE A HB3  1 
HETATM 154 H HG   . DLE A 1 10 ? -0.339 -5.452 9.047   1.00 0.00 ? 10 DLE A HG   1 
HETATM 155 H HD11 . DLE A 1 10 ? -3.100 -6.753 9.007   1.00 0.00 ? 10 DLE A HD11 1 
HETATM 156 H HD12 . DLE A 1 10 ? -1.574 -7.545 9.458   1.00 0.00 ? 10 DLE A HD12 1 
HETATM 157 H HD13 . DLE A 1 10 ? -2.217 -6.233 10.458  1.00 0.00 ? 10 DLE A HD13 1 
HETATM 158 H HD21 . DLE A 1 10 ? -2.095 -6.133 6.643   1.00 0.00 ? 10 DLE A HD21 1 
HETATM 159 H HD22 . DLE A 1 10 ? -0.432 -5.505 6.622   1.00 0.00 ? 10 DLE A HD22 1 
HETATM 160 H HD23 . DLE A 1 10 ? -0.752 -7.135 7.212   1.00 0.00 ? 10 DLE A HD23 1 
ATOM   161 N N    . TRP A 1 11 ? 0.979  -2.154 8.000   1.00 0.00 ? 11 TRP A N    1 
ATOM   162 C CA   . TRP A 1 11 ? 2.317  -1.856 8.526   1.00 0.00 ? 11 TRP A CA   1 
ATOM   163 C C    . TRP A 1 11 ? 2.818  -0.437 8.182   1.00 0.00 ? 11 TRP A C    1 
ATOM   164 O O    . TRP A 1 11 ? 2.326  0.223  7.267   1.00 0.00 ? 11 TRP A O    1 
ATOM   165 C CB   . TRP A 1 11 ? 3.286  -2.949 8.041   1.00 0.00 ? 11 TRP A CB   1 
ATOM   166 C CG   . TRP A 1 11 ? 2.983  -4.340 8.527   1.00 0.00 ? 11 TRP A CG   1 
ATOM   167 C CD1  . TRP A 1 11 ? 2.932  -4.716 9.825   1.00 0.00 ? 11 TRP A CD1  1 
ATOM   168 C CD2  . TRP A 1 11 ? 2.634  -5.533 7.758   1.00 0.00 ? 11 TRP A CD2  1 
ATOM   169 N NE1  . TRP A 1 11 ? 2.582  -6.046 9.923   1.00 0.00 ? 11 TRP A NE1  1 
ATOM   170 C CE2  . TRP A 1 11 ? 2.381  -6.601 8.677   1.00 0.00 ? 11 TRP A CE2  1 
ATOM   171 C CE3  . TRP A 1 11 ? 2.499  -5.829 6.377   1.00 0.00 ? 11 TRP A CE3  1 
ATOM   172 C CZ2  . TRP A 1 11 ? 2.012  -7.891 8.252   1.00 0.00 ? 11 TRP A CZ2  1 
ATOM   173 C CZ3  . TRP A 1 11 ? 2.106  -7.114 5.939   1.00 0.00 ? 11 TRP A CZ3  1 
ATOM   174 C CH2  . TRP A 1 11 ? 1.877  -8.147 6.872   1.00 0.00 ? 11 TRP A CH2  1 
ATOM   175 H H    . TRP A 1 11 ? 0.833  -2.051 7.004   1.00 0.00 ? 11 TRP A H    1 
ATOM   176 H HA   . TRP A 1 11 ? 2.294  -1.899 9.618   1.00 0.00 ? 11 TRP A HA   1 
ATOM   177 H HB2  . TRP A 1 11 ? 3.272  -2.957 6.953   1.00 0.00 ? 11 TRP A HB2  1 
ATOM   178 H HB3  . TRP A 1 11 ? 4.304  -2.701 8.347   1.00 0.00 ? 11 TRP A HB3  1 
ATOM   179 H HD1  . TRP A 1 11 ? 3.117  -4.063 10.666  1.00 0.00 ? 11 TRP A HD1  1 
ATOM   180 H HE1  . TRP A 1 11 ? 2.469  -6.565 10.782  1.00 0.00 ? 11 TRP A HE1  1 
ATOM   181 H HE3  . TRP A 1 11 ? 2.692  -5.061 5.646   1.00 0.00 ? 11 TRP A HE3  1 
ATOM   182 H HZ2  . TRP A 1 11 ? 1.829  -8.673 8.975   1.00 0.00 ? 11 TRP A HZ2  1 
ATOM   183 H HZ3  . TRP A 1 11 ? 1.970  -7.300 4.885   1.00 0.00 ? 11 TRP A HZ3  1 
ATOM   184 H HH2  . TRP A 1 11 ? 1.583  -9.129 6.529   1.00 0.00 ? 11 TRP A HH2  1 
HETATM 185 N N    . DLE A 1 12 ? 3.811  0.034  8.946   1.00 0.00 ? 12 DLE A N    1 
HETATM 186 C CA   . DLE A 1 12 ? 4.367  1.390  8.895   1.00 0.00 ? 12 DLE A CA   1 
HETATM 187 C CB   . DLE A 1 12 ? 5.859  1.348  9.308   1.00 0.00 ? 12 DLE A CB   1 
HETATM 188 C CG   . DLE A 1 12 ? 6.839  1.302  8.119   1.00 0.00 ? 12 DLE A CG   1 
HETATM 189 C CD1  . DLE A 1 12 ? 6.474  0.236  7.073   1.00 0.00 ? 12 DLE A CD1  1 
HETATM 190 C CD2  . DLE A 1 12 ? 6.961  2.700  7.493   1.00 0.00 ? 12 DLE A CD2  1 
HETATM 191 C C    . DLE A 1 12 ? 3.552  2.336  9.798   1.00 0.00 ? 12 DLE A C    1 
HETATM 192 O O    . DLE A 1 12 ? 3.687  2.289  11.021  1.00 0.00 ? 12 DLE A O    1 
HETATM 193 H H    . DLE A 1 12 ? 4.160  -0.574 9.670   1.00 0.00 ? 12 DLE A H    1 
HETATM 194 H HA   . DLE A 1 12 ? 4.298  1.769  7.875   1.00 0.00 ? 12 DLE A HA   1 
HETATM 195 H HB2  . DLE A 1 12 ? 6.112  2.235  9.893   1.00 0.00 ? 12 DLE A HB2  1 
HETATM 196 H HB3  . DLE A 1 12 ? 6.046  0.486  9.953   1.00 0.00 ? 12 DLE A HB3  1 
HETATM 197 H HG   . DLE A 1 12 ? 7.825  1.041  8.512   1.00 0.00 ? 12 DLE A HG   1 
HETATM 198 H HD11 . DLE A 1 12 ? 6.373  -0.737 7.554   1.00 0.00 ? 12 DLE A HD11 1 
HETATM 199 H HD12 . DLE A 1 12 ? 5.540  0.479  6.567   1.00 0.00 ? 12 DLE A HD12 1 
HETATM 200 H HD13 . DLE A 1 12 ? 7.263  0.174  6.322   1.00 0.00 ? 12 DLE A HD13 1 
HETATM 201 H HD21 . DLE A 1 12 ? 5.980  3.130  7.299   1.00 0.00 ? 12 DLE A HD21 1 
HETATM 202 H HD22 . DLE A 1 12 ? 7.484  3.357  8.188   1.00 0.00 ? 12 DLE A HD22 1 
HETATM 203 H HD23 . DLE A 1 12 ? 7.527  2.654  6.562   1.00 0.00 ? 12 DLE A HD23 1 
ATOM   204 N N    . TRP A 1 13 ? 2.719  3.197  9.196   1.00 0.00 ? 13 TRP A N    1 
ATOM   205 C CA   . TRP A 1 13 ? 1.908  4.210  9.885   1.00 0.00 ? 13 TRP A CA   1 
ATOM   206 C C    . TRP A 1 13 ? 0.448  4.200  9.387   1.00 0.00 ? 13 TRP A C    1 
ATOM   207 O O    . TRP A 1 13 ? 0.184  3.861  8.236   1.00 0.00 ? 13 TRP A O    1 
ATOM   208 C CB   . TRP A 1 13 ? 2.530  5.609  9.692   1.00 0.00 ? 13 TRP A CB   1 
ATOM   209 C CG   . TRP A 1 13 ? 4.028  5.698  9.619   1.00 0.00 ? 13 TRP A CG   1 
ATOM   210 C CD1  . TRP A 1 13 ? 4.891  5.562  10.650  1.00 0.00 ? 13 TRP A CD1  1 
ATOM   211 C CD2  . TRP A 1 13 ? 4.850  5.920  8.437   1.00 0.00 ? 13 TRP A CD2  1 
ATOM   212 N NE1  . TRP A 1 13 ? 6.189  5.716  10.200  1.00 0.00 ? 13 TRP A NE1  1 
ATOM   213 C CE2  . TRP A 1 13 ? 6.221  5.951  8.840   1.00 0.00 ? 13 TRP A CE2  1 
ATOM   214 C CE3  . TRP A 1 13 ? 4.573  6.106  7.061   1.00 0.00 ? 13 TRP A CE3  1 
ATOM   215 C CZ2  . TRP A 1 13 ? 7.266  6.175  7.923   1.00 0.00 ? 13 TRP A CZ2  1 
ATOM   216 C CZ3  . TRP A 1 13 ? 5.609  6.356  6.136   1.00 0.00 ? 13 TRP A CZ3  1 
ATOM   217 C CH2  . TRP A 1 13 ? 6.954  6.381  6.563   1.00 0.00 ? 13 TRP A CH2  1 
ATOM   218 H H    . TRP A 1 13 ? 2.684  3.186  8.183   1.00 0.00 ? 13 TRP A H    1 
ATOM   219 H HA   . TRP A 1 13 ? 1.897  3.995  10.956  1.00 0.00 ? 13 TRP A HA   1 
ATOM   220 H HB2  . TRP A 1 13 ? 2.148  6.037  8.762   1.00 0.00 ? 13 TRP A HB2  1 
ATOM   221 H HB3  . TRP A 1 13 ? 2.193  6.255  10.504  1.00 0.00 ? 13 TRP A HB3  1 
ATOM   222 H HD1  . TRP A 1 13 ? 4.606  5.371  11.676  1.00 0.00 ? 13 TRP A HD1  1 
ATOM   223 H HE1  . TRP A 1 13 ? 7.020  5.670  10.771  1.00 0.00 ? 13 TRP A HE1  1 
ATOM   224 H HE3  . TRP A 1 13 ? 3.551  6.054  6.719   1.00 0.00 ? 13 TRP A HE3  1 
ATOM   225 H HZ2  . TRP A 1 13 ? 8.293  6.189  8.258   1.00 0.00 ? 13 TRP A HZ2  1 
ATOM   226 H HZ3  . TRP A 1 13 ? 5.360  6.541  5.100   1.00 0.00 ? 13 TRP A HZ3  1 
ATOM   227 H HH2  . TRP A 1 13 ? 7.744  6.563  5.847   1.00 0.00 ? 13 TRP A HH2  1 
HETATM 228 N N    . DLE A 1 14 ? -0.495 4.618  10.244  1.00 0.00 ? 14 DLE A N    1 
HETATM 229 C CA   . DLE A 1 14 ? -1.924 4.727  9.934   1.00 0.00 ? 14 DLE A CA   1 
HETATM 230 C CB   . DLE A 1 14 ? -2.367 6.204  9.955   1.00 0.00 ? 14 DLE A CB   1 
HETATM 231 C CG   . DLE A 1 14 ? -1.715 7.038  8.827   1.00 0.00 ? 14 DLE A CG   1 
HETATM 232 C CD1  . DLE A 1 14 ? -2.730 8.003  8.194   1.00 0.00 ? 14 DLE A CD1  1 
HETATM 233 C CD2  . DLE A 1 14 ? -0.506 7.831  9.345   1.00 0.00 ? 14 DLE A CD2  1 
HETATM 234 C C    . DLE A 1 14 ? -2.759 3.843  10.880  1.00 0.00 ? 14 DLE A C    1 
HETATM 235 O O    . DLE A 1 14 ? -3.083 4.258  11.993  1.00 0.00 ? 14 DLE A O    1 
HETATM 236 H H    . DLE A 1 14 ? -0.201 4.896  11.168  1.00 0.00 ? 14 DLE A H    1 
HETATM 237 H HA   . DLE A 1 14 ? -2.124 4.392  8.918   1.00 0.00 ? 14 DLE A HA   1 
HETATM 238 H HB2  . DLE A 1 14 ? -3.448 6.217  9.816   1.00 0.00 ? 14 DLE A HB2  1 
HETATM 239 H HB3  . DLE A 1 14 ? -2.163 6.652  10.930  1.00 0.00 ? 14 DLE A HB3  1 
HETATM 240 H HG   . DLE A 1 14 ? -1.371 6.374  8.031   1.00 0.00 ? 14 DLE A HG   1 
HETATM 241 H HD11 . DLE A 1 14 ? -3.184 8.635  8.959   1.00 0.00 ? 14 DLE A HD11 1 
HETATM 242 H HD12 . DLE A 1 14 ? -2.241 8.633  7.450   1.00 0.00 ? 14 DLE A HD12 1 
HETATM 243 H HD13 . DLE A 1 14 ? -3.511 7.436  7.691   1.00 0.00 ? 14 DLE A HD13 1 
HETATM 244 H HD21 . DLE A 1 14 ? 0.201  7.163  9.829   1.00 0.00 ? 14 DLE A HD21 1 
HETATM 245 H HD22 . DLE A 1 14 ? -0.002 8.328  8.516   1.00 0.00 ? 14 DLE A HD22 1 
HETATM 246 H HD23 . DLE A 1 14 ? -0.827 8.580  10.069  1.00 0.00 ? 14 DLE A HD23 1 
ATOM   247 N N    . TRP A 1 15 ? -3.114 2.628  10.431  1.00 0.00 ? 15 TRP A N    1 
ATOM   248 C CA   . TRP A 1 15 ? -3.994 1.681  11.130  1.00 0.00 ? 15 TRP A CA   1 
ATOM   249 C C    . TRP A 1 15 ? -3.619 0.207  10.851  1.00 0.00 ? 15 TRP A C    1 
ATOM   250 O O    . TRP A 1 15 ? -2.701 -0.093 10.088  1.00 0.00 ? 15 TRP A O    1 
ATOM   251 C CB   . TRP A 1 15 ? -5.461 1.975  10.746  1.00 0.00 ? 15 TRP A CB   1 
ATOM   252 C CG   . TRP A 1 15 ? -5.942 3.368  11.040  1.00 0.00 ? 15 TRP A CG   1 
ATOM   253 C CD1  . TRP A 1 15 ? -6.337 3.831  12.248  1.00 0.00 ? 15 TRP A CD1  1 
ATOM   254 C CD2  . TRP A 1 15 ? -5.981 4.519  10.144  1.00 0.00 ? 15 TRP A CD2  1 
ATOM   255 N NE1  . TRP A 1 15 ? -6.622 5.180  12.169  1.00 0.00 ? 15 TRP A NE1  1 
ATOM   256 C CE2  . TRP A 1 15 ? -6.399 5.663  10.895  1.00 0.00 ? 15 TRP A CE2  1 
ATOM   257 C CE3  . TRP A 1 15 ? -5.677 4.721  8.777   1.00 0.00 ? 15 TRP A CE3  1 
ATOM   258 C CZ2  . TRP A 1 15 ? -6.501 6.944  10.320  1.00 0.00 ? 15 TRP A CZ2  1 
ATOM   259 C CZ3  . TRP A 1 15 ? -5.777 6.000  8.187   1.00 0.00 ? 15 TRP A CZ3  1 
ATOM   260 C CH2  . TRP A 1 15 ? -6.171 7.113  8.959   1.00 0.00 ? 15 TRP A CH2  1 
ATOM   261 H H    . TRP A 1 15 ? -2.783 2.362  9.511   1.00 0.00 ? 15 TRP A H    1 
ATOM   262 H HA   . TRP A 1 15 ? -3.888 1.824  12.208  1.00 0.00 ? 15 TRP A HA   1 
ATOM   263 H HB2  . TRP A 1 15 ? -5.584 1.795  9.675   1.00 0.00 ? 15 TRP A HB2  1 
ATOM   264 H HB3  . TRP A 1 15 ? -6.122 1.284  11.272  1.00 0.00 ? 15 TRP A HB3  1 
ATOM   265 H HD1  . TRP A 1 15 ? -6.386 3.240  13.151  1.00 0.00 ? 15 TRP A HD1  1 
ATOM   266 H HE1  . TRP A 1 15 ? -6.918 5.767  12.935  1.00 0.00 ? 15 TRP A HE1  1 
ATOM   267 H HE3  . TRP A 1 15 ? -5.345 3.882  8.187   1.00 0.00 ? 15 TRP A HE3  1 
ATOM   268 H HZ2  . TRP A 1 15 ? -6.809 7.789  10.918  1.00 0.00 ? 15 TRP A HZ2  1 
ATOM   269 H HZ3  . TRP A 1 15 ? -5.510 6.141  7.150   1.00 0.00 ? 15 TRP A HZ3  1 
ATOM   270 H HH2  . TRP A 1 15 ? -6.187 8.094  8.506   1.00 0.00 ? 15 TRP A HH2  1 
HETATM 271 C CA   . ETA A 1 16 ? -4.124 -2.168 11.338  1.00 0.00 ? 16 ETA A CA   1 
HETATM 272 N N    . ETA A 1 16 ? -4.342 -0.731 11.475  1.00 0.00 ? 16 ETA A N    1 
HETATM 273 C C    . ETA A 1 16 ? -2.946 -2.634 12.208  1.00 0.00 ? 16 ETA A C    1 
HETATM 274 O O    . ETA A 1 16 ? -3.228 -2.412 13.577  1.00 0.00 ? 16 ETA A O    1 
HETATM 275 H HA1  . ETA A 1 16 ? -5.029 -2.694 11.644  1.00 0.00 ? 16 ETA A HA1  1 
HETATM 276 H HA2  . ETA A 1 16 ? -3.926 -2.420 10.295  1.00 0.00 ? 16 ETA A HA2  1 
HETATM 277 H H    . ETA A 1 16 ? -5.053 -0.427 12.122  1.00 0.00 ? 16 ETA A H    1 
HETATM 278 H HB1  . ETA A 1 16 ? -2.037 -2.099 11.926  1.00 0.00 ? 16 ETA A HB1  1 
HETATM 279 H HB2  . ETA A 1 16 ? -2.783 -3.701 12.053  1.00 0.00 ? 16 ETA A HB2  1 
HETATM 280 H HO   . ETA A 1 16 ? -2.458 -2.658 14.096  1.00 0.00 ? 16 ETA A HO   1 
HETATM 281 C C    . QPH B 1 1  ? 2.154  -2.161 -0.401  1.00 0.00 ? 1  QPH B C    1 
HETATM 282 N N    . QPH B 1 1  ? 3.840  -0.340 -0.157  1.00 0.00 ? 1  QPH B N    1 
HETATM 283 O O    . QPH B 1 1  ? 1.537  -1.843 0.616   1.00 0.00 ? 1  QPH B O    1 
HETATM 284 C CA   . QPH B 1 1  ? 3.616  -1.713 -0.610  1.00 0.00 ? 1  QPH B CA   1 
HETATM 285 C CB   . QPH B 1 1  ? 4.614  -2.642 0.103   1.00 0.00 ? 1  QPH B CB   1 
HETATM 286 C CG   . QPH B 1 1  ? 4.361  -4.129 -0.089  1.00 0.00 ? 1  QPH B CG   1 
HETATM 287 C CZ   . QPH B 1 1  ? 3.812  -6.878 -0.446  1.00 0.00 ? 1  QPH B CZ   1 
HETATM 288 C CD1  . QPH B 1 1  ? 4.821  -4.800 -1.245  1.00 0.00 ? 1  QPH B CD1  1 
HETATM 289 C CD2  . QPH B 1 1  ? 3.588  -4.829 0.862   1.00 0.00 ? 1  QPH B CD2  1 
HETATM 290 C CE1  . QPH B 1 1  ? 4.547  -6.173 -1.423  1.00 0.00 ? 1  QPH B CE1  1 
HETATM 291 C CE2  . QPH B 1 1  ? 3.352  -6.210 0.707   1.00 0.00 ? 1  QPH B CE2  1 
HETATM 292 H H    . QPH B 1 1  ? 3.339  -0.049 0.671   1.00 0.00 ? 1  QPH B H    1 
HETATM 293 H HA   . QPH B 1 1  ? 3.830  -1.756 -1.673  1.00 0.00 ? 1  QPH B HA   1 
HETATM 294 H HZ   . QPH B 1 1  ? 3.592  -7.928 -0.580  1.00 0.00 ? 1  QPH B HZ   1 
HETATM 295 H HB2  . QPH B 1 1  ? 5.624  -2.407 -0.237  1.00 0.00 ? 1  QPH B HB2  1 
HETATM 296 H HB3  . QPH B 1 1  ? 4.581  -2.425 1.171   1.00 0.00 ? 1  QPH B HB3  1 
HETATM 297 H HD1  . QPH B 1 1  ? 5.363  -4.260 -2.008  1.00 0.00 ? 1  QPH B HD1  1 
HETATM 298 O O1   . QPH B 1 1  ? 5.337  0.263  -1.712  1.00 0.00 ? 1  QPH B O1   1 
HETATM 299 H HD2  . QPH B 1 1  ? 3.161  -4.295 1.696   1.00 0.00 ? 1  QPH B HD2  1 
HETATM 300 C CN   . QPH B 1 1  ? 4.695  0.525  -0.702  1.00 0.00 ? 1  QPH B CN   1 
HETATM 301 H HE1  . QPH B 1 1  ? 4.897  -6.681 -2.311  1.00 0.00 ? 1  QPH B HE1  1 
HETATM 302 H HE2  . QPH B 1 1  ? 2.820  -6.755 1.471   1.00 0.00 ? 1  QPH B HE2  1 
HETATM 303 H HNA  . QPH B 1 1  ? 4.834  1.496  -0.236  1.00 0.00 ? 1  QPH B HNA  1 
ATOM   304 N N    . GLY B 1 2  ? 1.623  -2.939 -1.354  1.00 0.00 ? 2  GLY B N    1 
ATOM   305 C CA   . GLY B 1 2  ? 0.284  -3.532 -1.319  1.00 0.00 ? 2  GLY B CA   1 
ATOM   306 C C    . GLY B 1 2  ? -0.744 -2.789 -2.190  1.00 0.00 ? 2  GLY B C    1 
ATOM   307 O O    . GLY B 1 2  ? -0.418 -2.312 -3.276  1.00 0.00 ? 2  GLY B O    1 
ATOM   308 H H    . GLY B 1 2  ? 2.218  -3.166 -2.142  1.00 0.00 ? 2  GLY B H    1 
ATOM   309 H HA2  . GLY B 1 2  ? 0.362  -4.548 -1.703  1.00 0.00 ? 2  GLY B HA2  1 
ATOM   310 H HA3  . GLY B 1 2  ? -0.073 -3.599 -0.290  1.00 0.00 ? 2  GLY B HA3  1 
ATOM   311 N N    . ALA B 1 3  ? -2.004 -2.736 -1.741  1.00 0.00 ? 3  ALA B N    1 
ATOM   312 C CA   . ALA B 1 3  ? -3.145 -2.172 -2.468  1.00 0.00 ? 3  ALA B CA   1 
ATOM   313 C C    . ALA B 1 3  ? -3.367 -0.682 -2.132  1.00 0.00 ? 3  ALA B C    1 
ATOM   314 O O    . ALA B 1 3  ? -3.694 -0.346 -0.997  1.00 0.00 ? 3  ALA B O    1 
ATOM   315 C CB   . ALA B 1 3  ? -4.393 -3.015 -2.169  1.00 0.00 ? 3  ALA B CB   1 
ATOM   316 H H    . ALA B 1 3  ? -2.181 -3.105 -0.817  1.00 0.00 ? 3  ALA B H    1 
ATOM   317 H HA   . ALA B 1 3  ? -2.966 -2.272 -3.538  1.00 0.00 ? 3  ALA B HA   1 
ATOM   318 H HB1  . ALA B 1 3  ? -4.581 -3.050 -1.097  1.00 0.00 ? 3  ALA B HB1  1 
ATOM   319 H HB2  . ALA B 1 3  ? -5.265 -2.589 -2.663  1.00 0.00 ? 3  ALA B HB2  1 
ATOM   320 H HB3  . ALA B 1 3  ? -4.247 -4.032 -2.539  1.00 0.00 ? 3  ALA B HB3  1 
HETATM 321 N N    . DLE B 1 4  ? -3.212 0.195  -3.132  1.00 0.00 ? 4  DLE B N    1 
HETATM 322 C CA   . DLE B 1 4  ? -3.299 1.657  -3.062  1.00 0.00 ? 4  DLE B CA   1 
HETATM 323 C CB   . DLE B 1 4  ? -4.727 2.125  -3.426  1.00 0.00 ? 4  DLE B CB   1 
HETATM 324 C CG   . DLE B 1 4  ? -5.773 1.948  -2.306  1.00 0.00 ? 4  DLE B CG   1 
HETATM 325 C CD1  . DLE B 1 4  ? -5.646 3.033  -1.226  1.00 0.00 ? 4  DLE B CD1  1 
HETATM 326 C CD2  . DLE B 1 4  ? -7.189 2.013  -2.898  1.00 0.00 ? 4  DLE B CD2  1 
HETATM 327 C C    . DLE B 1 4  ? -2.258 2.242  -4.037  1.00 0.00 ? 4  DLE B C    1 
HETATM 328 O O    . DLE B 1 4  ? -2.515 2.336  -5.237  1.00 0.00 ? 4  DLE B O    1 
HETATM 329 H H    . DLE B 1 4  ? -2.951 -0.192 -4.030  1.00 0.00 ? 4  DLE B H    1 
HETATM 330 H HA   . DLE B 1 4  ? -3.056 2.005  -2.058  1.00 0.00 ? 4  DLE B HA   1 
HETATM 331 H HB2  . DLE B 1 4  ? -4.707 3.183  -3.699  1.00 0.00 ? 4  DLE B HB2  1 
HETATM 332 H HB3  . DLE B 1 4  ? -5.049 1.564  -4.303  1.00 0.00 ? 4  DLE B HB3  1 
HETATM 333 H HG   . DLE B 1 4  ? -5.650 0.971  -1.839  1.00 0.00 ? 4  DLE B HG   1 
HETATM 334 H HD11 . DLE B 1 4  ? -4.631 3.081  -0.836  1.00 0.00 ? 4  DLE B HD11 1 
HETATM 335 H HD12 . DLE B 1 4  ? -5.909 4.003  -1.645  1.00 0.00 ? 4  DLE B HD12 1 
HETATM 336 H HD13 . DLE B 1 4  ? -6.325 2.816  -0.400  1.00 0.00 ? 4  DLE B HD13 1 
HETATM 337 H HD21 . DLE B 1 4  ? -7.326 1.219  -3.631  1.00 0.00 ? 4  DLE B HD21 1 
HETATM 338 H HD22 . DLE B 1 4  ? -7.931 1.888  -2.108  1.00 0.00 ? 4  DLE B HD22 1 
HETATM 339 H HD23 . DLE B 1 4  ? -7.350 2.975  -3.386  1.00 0.00 ? 4  DLE B HD23 1 
ATOM   340 N N    . ALA B 1 5  ? -1.069 2.605  -3.536  1.00 0.00 ? 5  ALA B N    1 
ATOM   341 C CA   . ALA B 1 5  ? 0.071  3.034  -4.353  1.00 0.00 ? 5  ALA B CA   1 
ATOM   342 C C    . ALA B 1 5  ? 1.408  2.543  -3.773  1.00 0.00 ? 5  ALA B C    1 
ATOM   343 O O    . ALA B 1 5  ? 1.566  2.464  -2.555  1.00 0.00 ? 5  ALA B O    1 
ATOM   344 C CB   . ALA B 1 5  ? 0.081  4.562  -4.505  1.00 0.00 ? 5  ALA B CB   1 
ATOM   345 H H    . ALA B 1 5  ? -0.910 2.470  -2.544  1.00 0.00 ? 5  ALA B H    1 
ATOM   346 H HA   . ALA B 1 5  ? -0.041 2.607  -5.349  1.00 0.00 ? 5  ALA B HA   1 
ATOM   347 H HB1  . ALA B 1 5  ? -0.892 4.922  -4.834  1.00 0.00 ? 5  ALA B HB1  1 
ATOM   348 H HB2  . ALA B 1 5  ? 0.330  5.038  -3.559  1.00 0.00 ? 5  ALA B HB2  1 
ATOM   349 H HB3  . ALA B 1 5  ? 0.828  4.848  -5.249  1.00 0.00 ? 5  ALA B HB3  1 
HETATM 350 N N    . DVA B 1 6  ? 2.386  2.258  -4.642  1.00 0.00 ? 6  DVA B N    1 
HETATM 351 C CA   . DVA B 1 6  ? 3.743  1.857  -4.260  1.00 0.00 ? 6  DVA B CA   1 
HETATM 352 C CB   . DVA B 1 6  ? 4.709  3.061  -4.334  1.00 0.00 ? 6  DVA B CB   1 
HETATM 353 C CG1  . DVA B 1 6  ? 4.145  4.340  -3.688  1.00 0.00 ? 6  DVA B CG1  1 
HETATM 354 C CG2  . DVA B 1 6  ? 6.048  2.733  -3.653  1.00 0.00 ? 6  DVA B CG2  1 
HETATM 355 C C    . DVA B 1 6  ? 4.206  0.677  -5.139  1.00 0.00 ? 6  DVA B C    1 
HETATM 356 O O    . DVA B 1 6  ? 4.175  0.764  -6.366  1.00 0.00 ? 6  DVA B O    1 
HETATM 357 H H    . DVA B 1 6  ? 2.173  2.316  -5.631  1.00 0.00 ? 6  DVA B H    1 
HETATM 358 H HA   . DVA B 1 6  ? 3.729  1.518  -3.223  1.00 0.00 ? 6  DVA B HA   1 
HETATM 359 H HB   . DVA B 1 6  ? 4.901  3.279  -5.381  1.00 0.00 ? 6  DVA B HB   1 
HETATM 360 H HG11 . DVA B 1 6  ? 3.881  4.150  -2.647  1.00 0.00 ? 6  DVA B HG11 1 
HETATM 361 H HG12 . DVA B 1 6  ? 4.891  5.134  -3.728  1.00 0.00 ? 6  DVA B HG12 1 
HETATM 362 H HG13 . DVA B 1 6  ? 3.261  4.685  -4.221  1.00 0.00 ? 6  DVA B HG13 1 
HETATM 363 H HG21 . DVA B 1 6  ? 6.428  1.775  -3.998  1.00 0.00 ? 6  DVA B HG21 1 
HETATM 364 H HG22 . DVA B 1 6  ? 6.782  3.506  -3.885  1.00 0.00 ? 6  DVA B HG22 1 
HETATM 365 H HG23 . DVA B 1 6  ? 5.920  2.688  -2.571  1.00 0.00 ? 6  DVA B HG23 1 
ATOM   366 N N    . VAL B 1 7  ? 4.606  -0.431 -4.503  1.00 0.00 ? 7  VAL B N    1 
ATOM   367 C CA   . VAL B 1 7  ? 4.857  -1.741 -5.112  1.00 0.00 ? 7  VAL B CA   1 
ATOM   368 C C    . VAL B 1 7  ? 3.709  -2.710 -4.741  1.00 0.00 ? 7  VAL B C    1 
ATOM   369 O O    . VAL B 1 7  ? 3.582  -3.113 -3.588  1.00 0.00 ? 7  VAL B O    1 
ATOM   370 C CB   . VAL B 1 7  ? 6.269  -2.250 -4.720  1.00 0.00 ? 7  VAL B CB   1 
ATOM   371 C CG1  . VAL B 1 7  ? 6.703  -1.894 -3.287  1.00 0.00 ? 7  VAL B CG1  1 
ATOM   372 C CG2  . VAL B 1 7  ? 6.423  -3.761 -4.945  1.00 0.00 ? 7  VAL B CG2  1 
ATOM   373 H H    . VAL B 1 7  ? 4.683  -0.379 -3.494  1.00 0.00 ? 7  VAL B H    1 
ATOM   374 H HA   . VAL B 1 7  ? 4.868  -1.647 -6.200  1.00 0.00 ? 7  VAL B HA   1 
ATOM   375 H HB   . VAL B 1 7  ? 6.983  -1.763 -5.388  1.00 0.00 ? 7  VAL B HB   1 
ATOM   376 H HG11 . VAL B 1 7  ? 5.916  -2.137 -2.578  1.00 0.00 ? 7  VAL B HG11 1 
ATOM   377 H HG12 . VAL B 1 7  ? 7.607  -2.432 -3.003  1.00 0.00 ? 7  VAL B HG12 1 
ATOM   378 H HG13 . VAL B 1 7  ? 6.922  -0.828 -3.224  1.00 0.00 ? 7  VAL B HG13 1 
ATOM   379 H HG21 . VAL B 1 7  ? 6.090  -4.021 -5.948  1.00 0.00 ? 7  VAL B HG21 1 
ATOM   380 H HG22 . VAL B 1 7  ? 7.469  -4.042 -4.828  1.00 0.00 ? 7  VAL B HG22 1 
ATOM   381 H HG23 . VAL B 1 7  ? 5.837  -4.317 -4.215  1.00 0.00 ? 7  VAL B HG23 1 
HETATM 382 N N    . DVA B 1 8  ? 2.858  -3.086 -5.707  1.00 0.00 ? 8  DVA B N    1 
HETATM 383 C CA   . DVA B 1 8  ? 1.644  -3.886 -5.488  1.00 0.00 ? 8  DVA B CA   1 
HETATM 384 C CB   . DVA B 1 8  ? 1.918  -5.395 -5.687  1.00 0.00 ? 8  DVA B CB   1 
HETATM 385 C CG1  . DVA B 1 8  ? 3.070  -5.932 -4.825  1.00 0.00 ? 8  DVA B CG1  1 
HETATM 386 C CG2  . DVA B 1 8  ? 0.652  -6.214 -5.362  1.00 0.00 ? 8  DVA B CG2  1 
HETATM 387 C C    . DVA B 1 8  ? 0.513  -3.433 -6.434  1.00 0.00 ? 8  DVA B C    1 
HETATM 388 O O    . DVA B 1 8  ? 0.730  -3.285 -7.635  1.00 0.00 ? 8  DVA B O    1 
HETATM 389 H H    . DVA B 1 8  ? 3.014  -2.728 -6.641  1.00 0.00 ? 8  DVA B H    1 
HETATM 390 H HA   . DVA B 1 8  ? 1.316  -3.748 -4.454  1.00 0.00 ? 8  DVA B HA   1 
HETATM 391 H HB   . DVA B 1 8  ? 2.190  -5.560 -6.731  1.00 0.00 ? 8  DVA B HB   1 
HETATM 392 H HG11 . DVA B 1 8  ? 2.884  -5.717 -3.772  1.00 0.00 ? 8  DVA B HG11 1 
HETATM 393 H HG12 . DVA B 1 8  ? 3.166  -7.011 -4.951  1.00 0.00 ? 8  DVA B HG12 1 
HETATM 394 H HG13 . DVA B 1 8  ? 4.012  -5.479 -5.132  1.00 0.00 ? 8  DVA B HG13 1 
HETATM 395 H HG21 . DVA B 1 8  ? -0.165 -5.959 -6.037  1.00 0.00 ? 8  DVA B HG21 1 
HETATM 396 H HG22 . DVA B 1 8  ? 0.850  -7.280 -5.468  1.00 0.00 ? 8  DVA B HG22 1 
HETATM 397 H HG23 . DVA B 1 8  ? 0.333  -6.017 -4.338  1.00 0.00 ? 8  DVA B HG23 1 
ATOM   398 N N    . TRP B 1 9  ? -0.715 -3.290 -5.921  1.00 0.00 ? 9  TRP B N    1 
ATOM   399 C CA   . TRP B 1 9  ? -1.921 -3.053 -6.720  1.00 0.00 ? 9  TRP B CA   1 
ATOM   400 C C    . TRP B 1 9  ? -2.380 -1.581 -6.663  1.00 0.00 ? 9  TRP B C    1 
ATOM   401 O O    . TRP B 1 9  ? -2.330 -0.955 -5.607  1.00 0.00 ? 9  TRP B O    1 
ATOM   402 C CB   . TRP B 1 9  ? -3.028 -4.018 -6.267  1.00 0.00 ? 9  TRP B CB   1 
ATOM   403 C CG   . TRP B 1 9  ? -4.317 -3.901 -7.027  1.00 0.00 ? 9  TRP B CG   1 
ATOM   404 C CD1  . TRP B 1 9  ? -4.603 -4.504 -8.204  1.00 0.00 ? 9  TRP B CD1  1 
ATOM   405 C CD2  . TRP B 1 9  ? -5.486 -3.092 -6.700  1.00 0.00 ? 9  TRP B CD2  1 
ATOM   406 N NE1  . TRP B 1 9  ? -5.872 -4.149 -8.621  1.00 0.00 ? 9  TRP B NE1  1 
ATOM   407 C CE2  . TRP B 1 9  ? -6.460 -3.272 -7.731  1.00 0.00 ? 9  TRP B CE2  1 
ATOM   408 C CE3  . TRP B 1 9  ? -5.815 -2.208 -5.644  1.00 0.00 ? 9  TRP B CE3  1 
ATOM   409 C CZ2  . TRP B 1 9  ? -7.707 -2.619 -7.708  1.00 0.00 ? 9  TRP B CZ2  1 
ATOM   410 C CZ3  . TRP B 1 9  ? -7.069 -1.561 -5.599  1.00 0.00 ? 9  TRP B CZ3  1 
ATOM   411 C CH2  . TRP B 1 9  ? -8.011 -1.760 -6.632  1.00 0.00 ? 9  TRP B CH2  1 
ATOM   412 H H    . TRP B 1 9  ? -0.816 -3.340 -4.917  1.00 0.00 ? 9  TRP B H    1 
ATOM   413 H HA   . TRP B 1 9  ? -1.717 -3.314 -7.758  1.00 0.00 ? 9  TRP B HA   1 
ATOM   414 H HB2  . TRP B 1 9  ? -2.665 -5.043 -6.363  1.00 0.00 ? 9  TRP B HB2  1 
ATOM   415 H HB3  . TRP B 1 9  ? -3.243 -3.850 -5.210  1.00 0.00 ? 9  TRP B HB3  1 
ATOM   416 H HD1  . TRP B 1 9  ? -3.937 -5.161 -8.745  1.00 0.00 ? 9  TRP B HD1  1 
ATOM   417 H HE1  . TRP B 1 9  ? -6.329 -4.468 -9.461  1.00 0.00 ? 9  TRP B HE1  1 
ATOM   418 H HE3  . TRP B 1 9  ? -5.091 -2.020 -4.867  1.00 0.00 ? 9  TRP B HE3  1 
ATOM   419 H HZ2  . TRP B 1 9  ? -8.420 -2.774 -8.504  1.00 0.00 ? 9  TRP B HZ2  1 
ATOM   420 H HZ3  . TRP B 1 9  ? -7.306 -0.912 -4.769  1.00 0.00 ? 9  TRP B HZ3  1 
ATOM   421 H HH2  . TRP B 1 9  ? -8.965 -1.253 -6.596  1.00 0.00 ? 9  TRP B HH2  1 
HETATM 422 N N    . DLE B 1 10 ? -2.868 -1.042 -7.789  1.00 0.00 ? 10 DLE B N    1 
HETATM 423 C CA   . DLE B 1 10 ? -3.446 0.302  -7.893  1.00 0.00 ? 10 DLE B CA   1 
HETATM 424 C CB   . DLE B 1 10 ? -4.850 0.206  -8.522  1.00 0.00 ? 10 DLE B CB   1 
HETATM 425 C CG   . DLE B 1 10 ? -5.648 1.526  -8.513  1.00 0.00 ? 10 DLE B CG   1 
HETATM 426 C CD1  . DLE B 1 10 ? -6.939 1.347  -9.326  1.00 0.00 ? 10 DLE B CD1  1 
HETATM 427 C CD2  . DLE B 1 10 ? -6.006 1.972  -7.088  1.00 0.00 ? 10 DLE B CD2  1 
HETATM 428 C C    . DLE B 1 10 ? -2.505 1.232  -8.682  1.00 0.00 ? 10 DLE B C    1 
HETATM 429 O O    . DLE B 1 10 ? -2.667 1.400  -9.892  1.00 0.00 ? 10 DLE B O    1 
HETATM 430 H H    . DLE B 1 10 ? -2.805 -1.595 -8.634  1.00 0.00 ? 10 DLE B H    1 
HETATM 431 H HA   . DLE B 1 10 ? -3.580 0.717  -6.895  1.00 0.00 ? 10 DLE B HA   1 
HETATM 432 H HB2  . DLE B 1 10 ? -4.750 -0.133 -9.553  1.00 0.00 ? 10 DLE B HB2  1 
HETATM 433 H HB3  . DLE B 1 10 ? -5.431 -0.543 -7.984  1.00 0.00 ? 10 DLE B HB3  1 
HETATM 434 H HG   . DLE B 1 10 ? -5.063 2.319  -8.981  1.00 0.00 ? 10 DLE B HG   1 
HETATM 435 H HD11 . DLE B 1 10 ? -7.561 0.570  -8.879  1.00 0.00 ? 10 DLE B HD11 1 
HETATM 436 H HD12 . DLE B 1 10 ? -7.499 2.282  -9.350  1.00 0.00 ? 10 DLE B HD12 1 
HETATM 437 H HD13 . DLE B 1 10 ? -6.697 1.062  -10.351 1.00 0.00 ? 10 DLE B HD13 1 
HETATM 438 H HD21 . DLE B 1 10 ? -6.481 1.158  -6.541  1.00 0.00 ? 10 DLE B HD21 1 
HETATM 439 H HD22 . DLE B 1 10 ? -5.111 2.290  -6.555  1.00 0.00 ? 10 DLE B HD22 1 
HETATM 440 H HD23 . DLE B 1 10 ? -6.695 2.815  -7.123  1.00 0.00 ? 10 DLE B HD23 1 
ATOM   441 N N    . TRP B 1 11 ? -1.527 1.836  -7.994  1.00 0.00 ? 11 TRP B N    1 
ATOM   442 C CA   . TRP B 1 11 ? -0.614 2.845  -8.547  1.00 0.00 ? 11 TRP B CA   1 
ATOM   443 C C    . TRP B 1 11 ? 0.873  2.578  -8.226  1.00 0.00 ? 11 TRP B C    1 
ATOM   444 O O    . TRP B 1 11 ? 1.217  1.833  -7.309  1.00 0.00 ? 11 TRP B O    1 
ATOM   445 C CB   . TRP B 1 11 ? -1.073 4.234  -8.068  1.00 0.00 ? 11 TRP B CB   1 
ATOM   446 C CG   . TRP B 1 11 ? -2.439 4.656  -8.533  1.00 0.00 ? 11 TRP B CG   1 
ATOM   447 C CD1  . TRP B 1 11 ? -2.814 4.784  -9.826  1.00 0.00 ? 11 TRP B CD1  1 
ATOM   448 C CD2  . TRP B 1 11 ? -3.634 4.953  -7.745  1.00 0.00 ? 11 TRP B CD2  1 
ATOM   449 N NE1  . TRP B 1 11 ? -4.145 5.141  -9.905  1.00 0.00 ? 11 TRP B NE1  1 
ATOM   450 C CE2  . TRP B 1 11 ? -4.703 5.254  -8.649  1.00 0.00 ? 11 TRP B CE2  1 
ATOM   451 C CE3  . TRP B 1 11 ? -3.933 4.998  -6.360  1.00 0.00 ? 11 TRP B CE3  1 
ATOM   452 C CZ2  . TRP B 1 11 ? -5.998 5.579  -8.204  1.00 0.00 ? 11 TRP B CZ2  1 
ATOM   453 C CZ3  . TRP B 1 11 ? -5.235 5.299  -5.902  1.00 0.00 ? 11 TRP B CZ3  1 
ATOM   454 C CH2  . TRP B 1 11 ? -6.263 5.603  -6.819  1.00 0.00 ? 11 TRP B CH2  1 
ATOM   455 H H    . TRP B 1 11 ? -1.491 1.668  -6.995  1.00 0.00 ? 11 TRP B H    1 
ATOM   456 H HA   . TRP B 1 11 ? -0.682 2.833  -9.637  1.00 0.00 ? 11 TRP B HA   1 
ATOM   457 H HB2  . TRP B 1 11 ? -1.067 4.236  -6.979  1.00 0.00 ? 11 TRP B HB2  1 
ATOM   458 H HB3  . TRP B 1 11 ? -0.358 4.991  -8.395  1.00 0.00 ? 11 TRP B HB3  1 
ATOM   459 H HD1  . TRP B 1 11 ? -2.170 4.613  -10.678 1.00 0.00 ? 11 TRP B HD1  1 
ATOM   460 H HE1  . TRP B 1 11 ? -4.666 5.291  -10.755 1.00 0.00 ? 11 TRP B HE1  1 
ATOM   461 H HE3  . TRP B 1 11 ? -3.157 4.790  -5.640  1.00 0.00 ? 11 TRP B HE3  1 
ATOM   462 H HZ2  . TRP B 1 11 ? -6.781 5.801  -8.915  1.00 0.00 ? 11 TRP B HZ2  1 
ATOM   463 H HZ3  . TRP B 1 11 ? -5.447 5.284  -4.844  1.00 0.00 ? 11 TRP B HZ3  1 
ATOM   464 H HH2  . TRP B 1 11 ? -7.255 5.840  -6.461  1.00 0.00 ? 11 TRP B HH2  1 
HETATM 465 N N    . DLE B 1 12 ? 1.761  3.199  -9.013  1.00 0.00 ? 12 DLE B N    1 
HETATM 466 C CA   . DLE B 1 12 ? 3.214  3.008  -8.986  1.00 0.00 ? 12 DLE B CA   1 
HETATM 467 C CB   . DLE B 1 12 ? 3.911  4.319  -9.424  1.00 0.00 ? 12 DLE B CB   1 
HETATM 468 C CG   . DLE B 1 12 ? 4.379  5.206  -8.253  1.00 0.00 ? 12 DLE B CG   1 
HETATM 469 C CD1  . DLE B 1 12 ? 3.291  5.428  -7.190  1.00 0.00 ? 12 DLE B CD1  1 
HETATM 470 C CD2  . DLE B 1 12 ? 5.664  4.623  -7.644  1.00 0.00 ? 12 DLE B CD2  1 
HETATM 471 C C    . DLE B 1 12 ? 3.615  1.821  -9.883  1.00 0.00 ? 12 DLE B C    1 
HETATM 472 O O    . DLE B 1 12 ? 3.619  1.949  -11.109 1.00 0.00 ? 12 DLE B O    1 
HETATM 473 H H    . DLE B 1 12 ? 1.392  3.796  -9.737  1.00 0.00 ? 12 DLE B H    1 
HETATM 474 H HA   . DLE B 1 12 ? 3.527  2.770  -7.968  1.00 0.00 ? 12 DLE B HA   1 
HETATM 475 H HB2  . DLE B 1 12 ? 4.795  4.092  -10.024 1.00 0.00 ? 12 DLE B HB2  1 
HETATM 476 H HB3  . DLE B 1 12 ? 3.245  4.903  -10.064 1.00 0.00 ? 12 DLE B HB3  1 
HETATM 477 H HG   . DLE B 1 12 ? 4.634  6.187  -8.661  1.00 0.00 ? 12 DLE B HG   1 
HETATM 478 H HD11 . DLE B 1 12 ? 2.387  5.820  -7.658  1.00 0.00 ? 12 DLE B HD11 1 
HETATM 479 H HD12 . DLE B 1 12 ? 3.048  4.503  -6.670  1.00 0.00 ? 12 DLE B HD12 1 
HETATM 480 H HD13 . DLE B 1 12 ? 3.642  6.153  -6.453  1.00 0.00 ? 12 DLE B HD13 1 
HETATM 481 H HD21 . DLE B 1 12 ? 5.554  3.560  -7.437  1.00 0.00 ? 12 DLE B HD21 1 
HETATM 482 H HD22 . DLE B 1 12 ? 6.480  4.744  -8.355  1.00 0.00 ? 12 DLE B HD22 1 
HETATM 483 H HD23 . DLE B 1 12 ? 5.922  5.146  -6.723  1.00 0.00 ? 12 DLE B HD23 1 
ATOM   484 N N    . TRP B 1 13 ? 3.959  0.677  -9.276  1.00 0.00 ? 13 TRP B N    1 
ATOM   485 C CA   . TRP B 1 13 ? 4.424  -0.537 -9.960  1.00 0.00 ? 13 TRP B CA   1 
ATOM   486 C C    . TRP B 1 13 ? 3.700  -1.794 -9.437  1.00 0.00 ? 13 TRP B C    1 
ATOM   487 O O    . TRP B 1 13 ? 3.295  -1.843 -8.278  1.00 0.00 ? 13 TRP B O    1 
ATOM   488 C CB   . TRP B 1 13 ? 5.950  -0.689 -9.794  1.00 0.00 ? 13 TRP B CB   1 
ATOM   489 C CG   . TRP B 1 13 ? 6.772  0.566  -9.748  1.00 0.00 ? 13 TRP B CG   1 
ATOM   490 C CD1  . TRP B 1 13 ? 7.065  1.373  -10.793 1.00 0.00 ? 13 TRP B CD1  1 
ATOM   491 C CD2  . TRP B 1 13 ? 7.395  1.182  -8.583  1.00 0.00 ? 13 TRP B CD2  1 
ATOM   492 N NE1  . TRP B 1 13 ? 7.851  2.427  -10.368 1.00 0.00 ? 13 TRP B NE1  1 
ATOM   493 C CE2  . TRP B 1 13 ? 8.094  2.353  -9.011  1.00 0.00 ? 13 TRP B CE2  1 
ATOM   494 C CE3  . TRP B 1 13 ? 7.444  0.864  -7.205  1.00 0.00 ? 13 TRP B CE3  1 
ATOM   495 C CZ2  . TRP B 1 13 ? 8.825  3.159  -8.115  1.00 0.00 ? 13 TRP B CZ2  1 
ATOM   496 C CZ3  . TRP B 1 13 ? 8.191  1.648  -6.301  1.00 0.00 ? 13 TRP B CZ3  1 
ATOM   497 C CH2  . TRP B 1 13 ? 8.873  2.800  -6.752  1.00 0.00 ? 13 TRP B CH2  1 
ATOM   498 H H    . TRP B 1 13 ? 3.951  0.663  -8.263  1.00 0.00 ? 13 TRP B H    1 
ATOM   499 H HA   . TRP B 1 13 ? 4.213  -0.450 -11.029 1.00 0.00 ? 13 TRP B HA   1 
ATOM   500 H HB2  . TRP B 1 13 ? 6.149  -1.224 -8.861  1.00 0.00 ? 13 TRP B HB2  1 
ATOM   501 H HB3  . TRP B 1 13 ? 6.330  -1.312 -10.606 1.00 0.00 ? 13 TRP B HB3  1 
ATOM   502 H HD1  . TRP B 1 13 ? 6.738  1.209  -11.811 1.00 0.00 ? 13 TRP B HD1  1 
ATOM   503 H HE1  . TRP B 1 13 ? 8.212  3.166  -10.953 1.00 0.00 ? 13 TRP B HE1  1 
ATOM   504 H HE3  . TRP B 1 13 ? 6.897  0.007  -6.845  1.00 0.00 ? 13 TRP B HE3  1 
ATOM   505 H HZ2  . TRP B 1 13 ? 9.340  4.039  -8.469  1.00 0.00 ? 13 TRP B HZ2  1 
ATOM   506 H HZ3  . TRP B 1 13 ? 8.247  1.352  -5.263  1.00 0.00 ? 13 TRP B HZ3  1 
ATOM   507 H HH2  . TRP B 1 13 ? 9.436  3.402  -6.053  1.00 0.00 ? 13 TRP B HH2  1 
HETATM 508 N N    . DLE B 1 14 ? 3.579  -2.829 -10.281 1.00 0.00 ? 14 DLE B N    1 
HETATM 509 C CA   . DLE B 1 14 ? 2.970  -4.121 -9.946  1.00 0.00 ? 14 DLE B CA   1 
HETATM 510 C CB   . DLE B 1 14 ? 4.031  -5.239 -9.975  1.00 0.00 ? 14 DLE B CB   1 
HETATM 511 C CG   . DLE B 1 14 ? 5.099  -5.075 -8.867  1.00 0.00 ? 14 DLE B CG   1 
HETATM 512 C CD1  . DLE B 1 14 ? 5.445  -6.429 -8.227  1.00 0.00 ? 14 DLE B CD1  1 
HETATM 513 C CD2  . DLE B 1 14 ? 6.378  -4.425 -9.415  1.00 0.00 ? 14 DLE B CD2  1 
HETATM 514 C C    . DLE B 1 14 ? 1.771  -4.416 -10.868 1.00 0.00 ? 14 DLE B C    1 
HETATM 515 O O    . DLE B 1 14 ? 1.951  -4.914 -11.978 1.00 0.00 ? 14 DLE B O    1 
HETATM 516 H H    . DLE B 1 14 ? 3.950  -2.721 -11.212 1.00 0.00 ? 14 DLE B H    1 
HETATM 517 H HA   . DLE B 1 14 ? 2.597  -4.117 -8.922  1.00 0.00 ? 14 DLE B HA   1 
HETATM 518 H HB2  . DLE B 1 14 ? 3.508  -6.182 -9.817  1.00 0.00 ? 14 DLE B HB2  1 
HETATM 519 H HB3  . DLE B 1 14 ? 4.503  -5.293 -10.957 1.00 0.00 ? 14 DLE B HB3  1 
HETATM 520 H HG   . DLE B 1 14 ? 4.708  -4.438 -8.071  1.00 0.00 ? 14 DLE B HG   1 
HETATM 521 H HD11 . DLE B 1 14 ? 5.754  -7.144 -8.989  1.00 0.00 ? 14 DLE B HD11 1 
HETATM 522 H HD12 . DLE B 1 14 ? 6.247  -6.309 -7.498  1.00 0.00 ? 14 DLE B HD12 1 
HETATM 523 H HD13 . DLE B 1 14 ? 4.573  -6.819 -7.704  1.00 0.00 ? 14 DLE B HD13 1 
HETATM 524 H HD21 . DLE B 1 14 ? 6.142  -3.484 -9.905  1.00 0.00 ? 14 DLE B HD21 1 
HETATM 525 H HD22 . DLE B 1 14 ? 7.075  -4.226 -8.600  1.00 0.00 ? 14 DLE B HD22 1 
HETATM 526 H HD23 . DLE B 1 14 ? 6.856  -5.083 -10.142 1.00 0.00 ? 14 DLE B HD23 1 
ATOM   527 N N    . TRP B 1 15 ? 0.549  -4.116 -10.400 1.00 0.00 ? 15 TRP B N    1 
ATOM   528 C CA   . TRP B 1 15 ? -0.723 -4.416 -11.074 1.00 0.00 ? 15 TRP B CA   1 
ATOM   529 C C    . TRP B 1 15 ? -1.810 -3.356 -10.786 1.00 0.00 ? 15 TRP B C    1 
ATOM   530 O O    . TRP B 1 15 ? -1.601 -2.402 -10.037 1.00 0.00 ? 15 TRP B O    1 
ATOM   531 C CB   . TRP B 1 15 ? -1.189 -5.832 -10.666 1.00 0.00 ? 15 TRP B CB   1 
ATOM   532 C CG   . TRP B 1 15 ? -0.223 -6.944 -10.965 1.00 0.00 ? 15 TRP B CG   1 
ATOM   533 C CD1  . TRP B 1 15 ? -0.040 -7.530 -12.171 1.00 0.00 ? 15 TRP B CD1  1 
ATOM   534 C CD2  . TRP B 1 15 ? 0.772  -7.541 -10.082 1.00 0.00 ? 15 TRP B CD2  1 
ATOM   535 N NE1  . TRP B 1 15 ? 0.992  -8.446 -12.101 1.00 0.00 ? 15 TRP B NE1  1 
ATOM   536 C CE2  . TRP B 1 15 ? 1.544  -8.479 -10.837 1.00 0.00 ? 15 TRP B CE2  1 
ATOM   537 C CE3  . TRP B 1 15 ? 1.122  -7.363 -8.722  1.00 0.00 ? 15 TRP B CE3  1 
ATOM   538 C CZ2  . TRP B 1 15 ? 2.616  -9.198 -10.273 1.00 0.00 ? 15 TRP B CZ2  1 
ATOM   539 C CZ3  . TRP B 1 15 ? 2.193  -8.079 -8.143  1.00 0.00 ? 15 TRP B CZ3  1 
ATOM   540 C CH2  . TRP B 1 15 ? 2.950  -8.981 -8.920  1.00 0.00 ? 15 TRP B CH2  1 
ATOM   541 H H    . TRP B 1 15 ? 0.498  -3.686 -9.484  1.00 0.00 ? 15 TRP B H    1 
ATOM   542 H HA   . TRP B 1 15 ? -0.565 -4.407 -12.154 1.00 0.00 ? 15 TRP B HA   1 
ATOM   543 H HB2  . TRP B 1 15 ? -1.387 -5.838 -9.591  1.00 0.00 ? 15 TRP B HB2  1 
ATOM   544 H HB3  . TRP B 1 15 ? -2.126 -6.068 -11.173 1.00 0.00 ? 15 TRP B HB3  1 
ATOM   545 H HD1  . TRP B 1 15 ? -0.593 -7.288 -13.068 1.00 0.00 ? 15 TRP B HD1  1 
ATOM   546 H HE1  . TRP B 1 15 ? 1.339  -9.003 -12.868 1.00 0.00 ? 15 TRP B HE1  1 
ATOM   547 H HE3  . TRP B 1 15 ? 0.569  -6.651 -8.130  1.00 0.00 ? 15 TRP B HE3  1 
ATOM   548 H HZ2  . TRP B 1 15 ? 3.186  -9.891 -10.875 1.00 0.00 ? 15 TRP B HZ2  1 
ATOM   549 H HZ3  . TRP B 1 15 ? 2.467  -7.906 -7.113  1.00 0.00 ? 15 TRP B HZ3  1 
ATOM   550 H HH2  . TRP B 1 15 ? 3.802  -9.478 -8.477  1.00 0.00 ? 15 TRP B HH2  1 
HETATM 551 C CA   . ETA B 1 16 ? -4.133 -2.620 -11.239 1.00 0.00 ? 16 ETA B CA   1 
HETATM 552 N N    . ETA B 1 16 ? -2.995 -3.525 -11.387 1.00 0.00 ? 16 ETA B N    1 
HETATM 553 C C    . ETA B 1 16 ? -3.967 -1.375 -12.125 1.00 0.00 ? 16 ETA B C    1 
HETATM 554 O O    . ETA B 1 16 ? -3.938 -1.745 -13.491 1.00 0.00 ? 16 ETA B O    1 
HETATM 555 H HA1  . ETA B 1 16 ? -5.043 -3.148 -11.523 1.00 0.00 ? 16 ETA B HA1  1 
HETATM 556 H HA2  . ETA B 1 16 ? -4.235 -2.313 -10.197 1.00 0.00 ? 16 ETA B HA2  1 
HETATM 557 H H    . ETA B 1 16 ? -3.095 -4.300 -12.025 1.00 0.00 ? 16 ETA B H    1 
HETATM 558 H HB1  . ETA B 1 16 ? -3.046 -0.849 -11.865 1.00 0.00 ? 16 ETA B HB1  1 
HETATM 559 H HB2  . ETA B 1 16 ? -4.810 -0.703 -11.962 1.00 0.00 ? 16 ETA B HB2  1 
HETATM 560 H HO   . ETA B 1 16 ? -3.779 -0.960 -14.021 1.00 0.00 ? 16 ETA B HO   1 
# 
